data_9BWO
#
_entry.id   9BWO
#
_cell.length_a   130.292
_cell.length_b   130.292
_cell.length_c   121.802
_cell.angle_alpha   90.000
_cell.angle_beta   90.000
_cell.angle_gamma   90.000
#
_symmetry.space_group_name_H-M   'P 43 21 2'
#
loop_
_entity.id
_entity.type
_entity.pdbx_description
1 polymer 'Acetyl-CoA acetyltransferase'
2 non-polymer 'COENZYME A'
3 water water
#
_entity_poly.entity_id   1
_entity_poly.type   'polypeptide(L)'
_entity_poly.pdbx_seq_one_letter_code
;GHMSNAAKEVVVVSGVRTAIGDFGGSLKDFSPTDLGAKVVSEVLSRANVSGDAVGHVVFGHVVNTEPKDMYLARVAAING
GVAQHTPALTVNRL(SCY)GSGLQAIVSAAQTIMLGDADVAIGGGSENMSRAPYTVPSARFGQRMGDAKLVDMMLGALHD
PFQTIHMGVTAENVARKYGITRDAQDALALESHRRAARAIAEGRFKDQILPISIRTKKGEVAFDTDEHVRHDAGPDDFTK
LKPVFVKEDGTVTAGNASGINDAAAAVLMMSADAARAQGVKPLARLVAYAHAGVDPAYMGIGPVPATQKALERAGLKITD
LDVIEANEAFAAQACAVTQELGLDPAKVNPNGSGISLGHPIGATGALITVKALYELKRIGGRYALVTMCIGGGQGIAAIF
ENI
;
_entity_poly.pdbx_strand_id   B,A
#
# COMPACT_ATOMS: atom_id res chain seq x y z
N ALA A 6 -10.36 -3.16 -25.60
CA ALA A 6 -9.49 -3.98 -24.74
C ALA A 6 -8.54 -3.08 -23.95
N ALA A 7 -7.55 -3.69 -23.32
CA ALA A 7 -6.61 -2.96 -22.47
C ALA A 7 -5.45 -2.43 -23.31
N LYS A 8 -4.98 -1.25 -22.95
CA LYS A 8 -3.91 -0.59 -23.68
C LYS A 8 -2.55 -1.22 -23.38
N GLU A 9 -1.69 -1.25 -24.38
CA GLU A 9 -0.37 -1.83 -24.24
C GLU A 9 0.54 -0.90 -23.45
N VAL A 10 1.35 -1.49 -22.57
CA VAL A 10 2.18 -0.75 -21.63
C VAL A 10 3.64 -0.91 -22.02
N VAL A 11 4.33 0.22 -22.18
CA VAL A 11 5.74 0.23 -22.59
C VAL A 11 6.58 0.73 -21.43
N VAL A 12 7.63 -0.02 -21.10
CA VAL A 12 8.65 0.41 -20.14
C VAL A 12 9.73 1.12 -20.94
N VAL A 13 9.82 2.45 -20.82
CA VAL A 13 10.79 3.16 -21.62
C VAL A 13 12.14 3.29 -20.89
N SER A 14 12.13 3.41 -19.57
CA SER A 14 13.38 3.62 -18.84
C SER A 14 13.28 2.99 -17.46
N GLY A 15 14.45 2.65 -16.92
CA GLY A 15 14.53 2.08 -15.59
C GLY A 15 15.88 2.38 -14.98
N VAL A 16 15.95 2.27 -13.66
CA VAL A 16 17.18 2.54 -12.92
C VAL A 16 17.04 1.95 -11.52
N ARG A 17 18.18 1.67 -10.90
CA ARG A 17 18.23 1.22 -9.52
C ARG A 17 19.45 1.83 -8.85
N THR A 18 19.41 1.92 -7.53
CA THR A 18 20.63 2.18 -6.78
C THR A 18 21.42 0.88 -6.66
N ALA A 19 22.71 1.02 -6.36
CA ALA A 19 23.43 -0.12 -5.83
C ALA A 19 22.80 -0.53 -4.50
N ILE A 20 22.98 -1.79 -4.13
CA ILE A 20 22.31 -2.35 -2.96
C ILE A 20 23.26 -2.26 -1.78
N GLY A 21 22.86 -1.52 -0.75
CA GLY A 21 23.67 -1.35 0.43
C GLY A 21 23.44 -2.45 1.46
N ASP A 22 24.50 -2.79 2.17
CA ASP A 22 24.41 -3.77 3.23
C ASP A 22 23.65 -3.21 4.43
N PHE A 23 23.11 -4.12 5.23
CA PHE A 23 22.55 -3.79 6.53
C PHE A 23 23.58 -3.03 7.37
N GLY A 24 23.22 -1.82 7.79
CA GLY A 24 24.16 -0.97 8.48
C GLY A 24 25.33 -0.54 7.63
N GLY A 25 25.20 -0.63 6.31
CA GLY A 25 26.28 -0.33 5.39
C GLY A 25 26.19 1.06 4.79
N SER A 26 26.53 1.15 3.51
CA SER A 26 26.83 2.44 2.88
C SER A 26 25.61 3.34 2.71
N LEU A 27 24.39 2.79 2.70
CA LEU A 27 23.20 3.60 2.54
C LEU A 27 22.43 3.76 3.84
N LYS A 28 23.04 3.44 4.98
CA LYS A 28 22.33 3.49 6.25
C LYS A 28 21.84 4.90 6.58
N ASP A 29 22.46 5.93 5.99
CA ASP A 29 22.12 7.31 6.29
C ASP A 29 21.13 7.91 5.31
N PHE A 30 20.60 7.12 4.38
CA PHE A 30 19.68 7.60 3.35
C PHE A 30 18.29 7.05 3.63
N SER A 31 17.34 7.95 3.90
CA SER A 31 15.98 7.53 4.19
C SER A 31 15.34 6.90 2.96
N PRO A 32 14.27 6.12 3.16
CA PRO A 32 13.56 5.57 1.98
C PRO A 32 13.04 6.65 1.05
N THR A 33 12.52 7.76 1.58
CA THR A 33 12.03 8.83 0.72
C THR A 33 13.17 9.51 -0.03
N ASP A 34 14.34 9.62 0.60
CA ASP A 34 15.50 10.16 -0.10
C ASP A 34 15.89 9.25 -1.27
N LEU A 35 16.02 7.95 -1.00
CA LEU A 35 16.35 7.01 -2.07
C LEU A 35 15.28 7.01 -3.15
N GLY A 36 14.00 7.02 -2.75
CA GLY A 36 12.94 7.02 -3.74
C GLY A 36 12.99 8.24 -4.65
N ALA A 37 13.26 9.41 -4.08
CA ALA A 37 13.32 10.63 -4.89
C ALA A 37 14.47 10.58 -5.87
N LYS A 38 15.61 10.03 -5.46
CA LYS A 38 16.75 9.91 -6.36
C LYS A 38 16.39 9.13 -7.61
N VAL A 39 15.75 7.96 -7.43
CA VAL A 39 15.45 7.15 -8.60
C VAL A 39 14.32 7.77 -9.43
N VAL A 40 13.36 8.43 -8.78
CA VAL A 40 12.31 9.13 -9.55
C VAL A 40 12.95 10.15 -10.48
N SER A 41 13.77 11.04 -9.93
CA SER A 41 14.39 12.07 -10.76
C SER A 41 15.20 11.45 -11.89
N GLU A 42 15.78 10.27 -11.66
CA GLU A 42 16.67 9.68 -12.66
C GLU A 42 15.90 8.95 -13.75
N VAL A 43 14.80 8.26 -13.41
CA VAL A 43 14.04 7.63 -14.49
C VAL A 43 13.41 8.69 -15.38
N LEU A 44 13.04 9.83 -14.81
CA LEU A 44 12.49 10.93 -15.62
C LEU A 44 13.53 11.42 -16.62
N SER A 45 14.77 11.65 -16.14
CA SER A 45 15.84 12.10 -17.03
C SER A 45 16.14 11.05 -18.10
N ARG A 46 16.09 9.78 -17.73
CA ARG A 46 16.44 8.73 -18.69
C ARG A 46 15.38 8.59 -19.78
N ALA A 47 14.10 8.68 -19.40
CA ALA A 47 13.03 8.60 -20.38
C ALA A 47 12.86 9.89 -21.17
N ASN A 48 13.57 10.96 -20.81
CA ASN A 48 13.39 12.27 -21.42
C ASN A 48 11.93 12.71 -21.30
N VAL A 49 11.42 12.64 -20.07
CA VAL A 49 10.04 13.01 -19.76
C VAL A 49 10.06 14.08 -18.69
N SER A 50 9.21 15.10 -18.87
CA SER A 50 9.13 16.21 -17.93
C SER A 50 8.39 15.77 -16.68
N GLY A 51 8.86 16.24 -15.52
CA GLY A 51 8.20 15.96 -14.27
C GLY A 51 6.74 16.38 -14.26
N ASP A 52 6.36 17.26 -15.17
CA ASP A 52 5.00 17.77 -15.27
C ASP A 52 4.08 16.89 -16.12
N ALA A 53 4.58 15.77 -16.64
CA ALA A 53 3.84 14.95 -17.59
C ALA A 53 3.58 13.53 -17.09
N VAL A 54 3.45 13.36 -15.77
CA VAL A 54 3.32 12.04 -15.17
C VAL A 54 1.88 11.86 -14.69
N GLY A 55 1.27 10.76 -15.09
CA GLY A 55 -0.10 10.47 -14.72
C GLY A 55 -0.26 9.88 -13.34
N HIS A 56 0.69 9.03 -12.92
CA HIS A 56 0.57 8.36 -11.64
C HIS A 56 1.94 7.90 -11.17
N VAL A 57 2.08 7.79 -9.85
CA VAL A 57 3.29 7.26 -9.23
C VAL A 57 2.88 6.22 -8.19
N VAL A 58 3.51 5.05 -8.25
CA VAL A 58 3.26 3.99 -7.28
C VAL A 58 4.60 3.43 -6.81
N PHE A 59 4.77 3.36 -5.49
CA PHE A 59 6.00 2.86 -4.90
C PHE A 59 5.71 1.73 -3.93
N GLY A 60 6.52 0.69 -4.00
CA GLY A 60 6.47 -0.38 -3.03
C GLY A 60 7.36 -0.07 -1.82
N HIS A 61 6.83 -0.37 -0.64
CA HIS A 61 7.50 -0.04 0.62
C HIS A 61 6.81 -0.77 1.76
N VAL A 62 7.58 -1.40 2.65
CA VAL A 62 7.04 -2.33 3.64
C VAL A 62 7.23 -1.79 5.06
N VAL A 63 8.44 -1.38 5.41
CA VAL A 63 8.80 -1.08 6.79
C VAL A 63 8.94 0.43 6.91
N ASN A 64 7.94 1.08 7.50
CA ASN A 64 8.02 2.52 7.75
C ASN A 64 9.13 2.81 8.76
N THR A 65 10.07 3.68 8.38
CA THR A 65 11.17 4.07 9.25
C THR A 65 10.92 5.41 9.94
N GLU A 66 9.97 6.20 9.45
CA GLU A 66 9.68 7.51 10.00
C GLU A 66 8.32 7.96 9.47
N PRO A 67 7.73 9.00 10.05
CA PRO A 67 6.43 9.47 9.54
C PRO A 67 6.39 9.72 8.03
N LYS A 68 7.43 10.36 7.48
CA LYS A 68 7.45 10.61 6.04
C LYS A 68 7.12 9.37 5.23
N ASP A 69 7.52 8.19 5.72
CA ASP A 69 7.37 6.97 4.92
C ASP A 69 5.91 6.63 4.68
N MET A 70 5.01 7.06 5.56
CA MET A 70 3.60 6.88 5.29
C MET A 70 3.13 7.73 4.12
N TYR A 71 3.97 8.68 3.68
CA TYR A 71 3.74 9.47 2.47
C TYR A 71 4.76 9.13 1.38
N LEU A 72 5.29 7.91 1.39
CA LEU A 72 6.53 7.64 0.66
C LEU A 72 6.39 7.97 -0.83
N ALA A 73 5.38 7.41 -1.49
CA ALA A 73 5.25 7.63 -2.93
C ALA A 73 5.14 9.12 -3.25
N ARG A 74 4.39 9.88 -2.44
CA ARG A 74 4.20 11.29 -2.73
C ARG A 74 5.49 12.08 -2.48
N VAL A 75 6.23 11.73 -1.44
CA VAL A 75 7.49 12.43 -1.17
C VAL A 75 8.52 12.10 -2.24
N ALA A 76 8.60 10.83 -2.64
CA ALA A 76 9.55 10.45 -3.69
C ALA A 76 9.22 11.18 -4.99
N ALA A 77 7.93 11.30 -5.31
CA ALA A 77 7.53 11.95 -6.57
C ALA A 77 7.79 13.45 -6.51
N ILE A 78 7.34 14.11 -5.45
CA ILE A 78 7.50 15.56 -5.34
C ILE A 78 8.98 15.93 -5.31
N ASN A 79 9.74 15.28 -4.42
CA ASN A 79 11.17 15.56 -4.32
C ASN A 79 11.97 14.97 -5.46
N GLY A 80 11.37 14.10 -6.27
CA GLY A 80 11.98 13.66 -7.50
C GLY A 80 11.72 14.56 -8.68
N GLY A 81 10.96 15.64 -8.46
CA GLY A 81 10.66 16.58 -9.52
C GLY A 81 9.36 16.36 -10.25
N VAL A 82 8.46 15.54 -9.72
CA VAL A 82 7.15 15.32 -10.33
C VAL A 82 6.20 16.40 -9.83
N ALA A 83 5.41 16.94 -10.75
CA ALA A 83 4.52 18.04 -10.40
C ALA A 83 3.48 17.57 -9.38
N GLN A 84 3.02 18.51 -8.55
CA GLN A 84 2.12 18.17 -7.47
C GLN A 84 0.73 17.73 -7.94
N HIS A 85 0.40 17.92 -9.21
CA HIS A 85 -0.90 17.45 -9.69
C HIS A 85 -0.91 15.95 -9.95
N THR A 86 0.21 15.24 -9.72
CA THR A 86 0.30 13.81 -10.01
C THR A 86 -0.07 13.00 -8.76
N PRO A 87 -1.04 12.08 -8.86
CA PRO A 87 -1.33 11.21 -7.72
C PRO A 87 -0.20 10.25 -7.43
N ALA A 88 -0.06 9.89 -6.15
CA ALA A 88 1.00 9.01 -5.69
C ALA A 88 0.43 8.01 -4.70
N LEU A 89 0.79 6.73 -4.86
CA LEU A 89 0.26 5.65 -4.05
C LEU A 89 1.41 4.77 -3.53
N THR A 90 1.31 4.38 -2.27
CA THR A 90 2.24 3.42 -1.68
C THR A 90 1.52 2.08 -1.50
N VAL A 91 2.19 1.00 -1.89
CA VAL A 91 1.61 -0.34 -1.85
C VAL A 91 2.53 -1.27 -1.08
N ASN A 92 1.93 -2.22 -0.38
CA ASN A 92 2.67 -3.21 0.42
C ASN A 92 2.13 -4.60 0.10
N ARG A 93 2.90 -5.36 -0.68
CA ARG A 93 2.68 -6.79 -0.80
C ARG A 93 3.95 -7.51 -0.37
N LEU A 94 4.53 -7.08 0.76
CA LEU A 94 5.73 -7.67 1.36
C LEU A 94 6.83 -7.69 0.30
N GLY A 96 7.01 -8.74 -2.56
CA GLY A 96 6.53 -8.48 -3.90
C GLY A 96 6.14 -7.05 -4.15
N SER A 97 6.34 -6.15 -3.18
CA SER A 97 5.80 -4.80 -3.29
C SER A 97 6.41 -4.05 -4.48
N GLY A 98 7.71 -4.23 -4.71
CA GLY A 98 8.35 -3.53 -5.80
C GLY A 98 7.76 -3.88 -7.15
N LEU A 99 7.52 -5.17 -7.39
CA LEU A 99 6.89 -5.57 -8.64
C LEU A 99 5.41 -5.21 -8.66
N GLN A 100 4.75 -5.29 -7.51
CA GLN A 100 3.36 -4.86 -7.43
C GLN A 100 3.22 -3.40 -7.79
N ALA A 101 4.15 -2.56 -7.31
CA ALA A 101 4.11 -1.14 -7.66
C ALA A 101 4.15 -0.95 -9.17
N ILE A 102 4.95 -1.75 -9.87
CA ILE A 102 5.03 -1.65 -11.32
C ILE A 102 3.73 -2.12 -11.95
N VAL A 103 3.15 -3.20 -11.42
CA VAL A 103 1.88 -3.69 -11.95
C VAL A 103 0.77 -2.67 -11.71
N SER A 104 0.68 -2.15 -10.49
CA SER A 104 -0.33 -1.14 -10.18
C SER A 104 -0.19 0.07 -11.10
N ALA A 105 1.04 0.57 -11.26
CA ALA A 105 1.25 1.71 -12.16
C ALA A 105 0.88 1.34 -13.59
N ALA A 106 1.29 0.15 -14.03
CA ALA A 106 0.92 -0.29 -15.37
C ALA A 106 -0.59 -0.35 -15.55
N GLN A 107 -1.32 -0.70 -14.48
CA GLN A 107 -2.76 -0.87 -14.60
C GLN A 107 -3.46 0.45 -14.89
N THR A 108 -2.95 1.56 -14.37
CA THR A 108 -3.52 2.86 -14.72
C THR A 108 -3.37 3.16 -16.20
N ILE A 109 -2.29 2.68 -16.81
CA ILE A 109 -2.12 2.83 -18.25
C ILE A 109 -3.05 1.89 -18.99
N MET A 110 -3.12 0.63 -18.55
CA MET A 110 -3.99 -0.34 -19.21
C MET A 110 -5.45 0.14 -19.20
N LEU A 111 -5.86 0.81 -18.13
CA LEU A 111 -7.24 1.22 -17.96
C LEU A 111 -7.54 2.60 -18.53
N GLY A 112 -6.53 3.31 -19.03
CA GLY A 112 -6.73 4.61 -19.63
C GLY A 112 -6.71 5.78 -18.69
N ASP A 113 -6.47 5.56 -17.40
CA ASP A 113 -6.44 6.66 -16.44
C ASP A 113 -5.19 7.50 -16.58
N ALA A 114 -4.14 6.97 -17.19
CA ALA A 114 -2.88 7.67 -17.37
C ALA A 114 -2.22 7.15 -18.64
N ASP A 115 -1.43 8.01 -19.28
CA ASP A 115 -0.55 7.58 -20.36
C ASP A 115 0.91 7.55 -19.93
N VAL A 116 1.21 8.03 -18.72
CA VAL A 116 2.56 7.97 -18.15
C VAL A 116 2.42 7.62 -16.68
N ALA A 117 3.19 6.64 -16.22
CA ALA A 117 3.16 6.23 -14.83
C ALA A 117 4.53 5.73 -14.43
N ILE A 118 4.91 5.98 -13.18
CA ILE A 118 6.18 5.52 -12.63
C ILE A 118 5.89 4.47 -11.58
N GLY A 119 6.58 3.33 -11.69
CA GLY A 119 6.47 2.28 -10.70
C GLY A 119 7.82 1.98 -10.11
N GLY A 120 7.91 1.98 -8.79
CA GLY A 120 9.18 1.74 -8.14
C GLY A 120 9.03 1.15 -6.75
N GLY A 121 10.15 1.04 -6.05
CA GLY A 121 10.13 0.60 -4.67
C GLY A 121 11.35 1.13 -3.96
N SER A 122 11.21 1.31 -2.65
CA SER A 122 12.30 1.85 -1.85
C SER A 122 12.19 1.28 -0.45
N GLU A 123 13.32 0.85 0.08
CA GLU A 123 13.38 0.27 1.41
C GLU A 123 14.77 0.52 1.98
N ASN A 124 14.81 0.95 3.24
CA ASN A 124 16.07 1.00 3.97
C ASN A 124 15.88 0.21 5.25
N MET A 125 16.37 -1.04 5.24
CA MET A 125 16.22 -1.90 6.39
C MET A 125 17.16 -1.51 7.53
N SER A 126 18.32 -0.95 7.20
CA SER A 126 19.19 -0.42 8.24
C SER A 126 18.45 0.55 9.15
N ARG A 127 17.52 1.32 8.57
CA ARG A 127 16.76 2.32 9.31
C ARG A 127 15.44 1.79 9.84
N ALA A 128 15.22 0.49 9.76
CA ALA A 128 13.99 -0.08 10.32
C ALA A 128 13.92 0.25 11.81
N PRO A 129 12.79 0.71 12.32
CA PRO A 129 12.77 1.21 13.69
C PRO A 129 12.40 0.14 14.70
N TYR A 130 12.38 0.53 15.97
CA TYR A 130 11.73 -0.21 17.04
C TYR A 130 10.51 0.57 17.48
N THR A 131 9.43 -0.15 17.79
CA THR A 131 8.23 0.47 18.31
C THR A 131 8.12 0.21 19.81
N VAL A 132 7.35 1.06 20.48
CA VAL A 132 7.06 0.91 21.90
C VAL A 132 5.54 0.87 22.07
N PRO A 133 4.91 -0.31 22.01
CA PRO A 133 3.44 -0.35 22.06
C PRO A 133 2.86 0.27 23.32
N SER A 134 3.59 0.28 24.43
CA SER A 134 3.08 0.77 25.70
C SER A 134 3.39 2.24 25.97
N ALA A 135 3.98 2.95 25.00
CA ALA A 135 4.44 4.31 25.26
C ALA A 135 3.28 5.30 25.32
N ARG A 136 2.28 5.15 24.46
CA ARG A 136 1.22 6.14 24.39
C ARG A 136 0.41 6.18 25.68
N PHE A 137 -0.02 5.02 26.16
CA PHE A 137 -0.89 4.95 27.34
C PHE A 137 -0.19 4.39 28.56
N GLY A 138 1.06 3.98 28.43
CA GLY A 138 1.88 3.64 29.57
C GLY A 138 1.83 2.15 29.92
N GLN A 139 2.84 1.73 30.68
CA GLN A 139 2.97 0.36 31.14
C GLN A 139 2.61 0.19 32.61
N ARG A 140 2.64 1.28 33.39
CA ARG A 140 2.24 1.27 34.80
C ARG A 140 3.20 0.47 35.66
N MET A 141 3.47 -0.79 35.30
CA MET A 141 4.31 -1.62 36.15
C MET A 141 4.73 -2.86 35.37
N GLY A 142 5.94 -3.34 35.66
CA GLY A 142 6.50 -4.48 34.98
C GLY A 142 7.25 -4.10 33.72
N ASP A 143 8.19 -4.96 33.33
CA ASP A 143 8.98 -4.70 32.14
C ASP A 143 8.07 -4.69 30.91
N ALA A 144 8.50 -3.95 29.89
CA ALA A 144 7.81 -3.92 28.60
C ALA A 144 8.82 -4.25 27.50
N LYS A 145 8.46 -4.07 26.24
CA LYS A 145 9.36 -4.43 25.15
C LYS A 145 9.45 -3.33 24.10
N LEU A 146 10.62 -3.25 23.51
CA LEU A 146 10.86 -2.53 22.25
C LEU A 146 10.76 -3.56 21.14
N VAL A 147 9.82 -3.36 20.22
CA VAL A 147 9.51 -4.36 19.21
C VAL A 147 10.31 -4.06 17.94
N ASP A 148 11.14 -5.02 17.54
CA ASP A 148 11.92 -4.91 16.30
C ASP A 148 10.99 -5.07 15.11
N MET A 149 10.78 -3.98 14.37
CA MET A 149 9.86 -4.01 13.23
C MET A 149 10.48 -4.67 12.01
N MET A 150 11.82 -4.73 11.94
CA MET A 150 12.47 -5.43 10.84
C MET A 150 12.26 -6.93 10.95
N LEU A 151 12.67 -7.52 12.07
CA LEU A 151 12.39 -8.93 12.31
C LEU A 151 10.90 -9.20 12.22
N GLY A 152 10.08 -8.28 12.71
CA GLY A 152 8.64 -8.47 12.61
C GLY A 152 8.18 -8.64 11.19
N ALA A 153 8.71 -7.83 10.26
CA ALA A 153 8.38 -7.98 8.86
C ALA A 153 8.90 -9.27 8.24
N LEU A 154 9.77 -9.98 8.95
CA LEU A 154 10.32 -11.26 8.47
C LEU A 154 9.73 -12.45 9.22
N HIS A 155 8.63 -12.25 9.94
CA HIS A 155 7.96 -13.31 10.67
C HIS A 155 6.58 -13.54 10.06
N ASP A 156 6.28 -14.78 9.73
CA ASP A 156 4.94 -15.13 9.28
C ASP A 156 3.94 -14.74 10.36
N PRO A 157 2.89 -13.97 10.03
CA PRO A 157 1.99 -13.46 11.07
C PRO A 157 0.96 -14.46 11.56
N PHE A 158 0.94 -15.68 11.04
CA PHE A 158 -0.01 -16.70 11.47
C PHE A 158 0.58 -17.67 12.49
N GLN A 159 1.75 -18.25 12.19
CA GLN A 159 2.44 -19.11 13.15
C GLN A 159 3.52 -18.36 13.93
N THR A 160 3.82 -17.11 13.56
CA THR A 160 4.85 -16.32 14.21
C THR A 160 6.20 -17.06 14.17
N ILE A 161 6.60 -17.41 12.95
CA ILE A 161 7.88 -18.06 12.69
C ILE A 161 8.64 -17.21 11.67
N HIS A 162 9.96 -17.20 11.79
CA HIS A 162 10.78 -16.50 10.82
C HIS A 162 10.56 -17.08 9.43
N MET A 163 10.68 -16.24 8.41
CA MET A 163 10.57 -16.71 7.04
C MET A 163 11.53 -17.86 6.79
N GLY A 164 12.67 -17.89 7.48
CA GLY A 164 13.62 -18.97 7.31
C GLY A 164 13.06 -20.32 7.71
N VAL A 165 12.12 -20.35 8.65
CA VAL A 165 11.48 -21.60 9.01
C VAL A 165 10.61 -22.10 7.86
N THR A 166 9.88 -21.19 7.21
CA THR A 166 9.09 -21.59 6.04
C THR A 166 10.00 -22.04 4.90
N ALA A 167 11.24 -21.56 4.86
CA ALA A 167 12.20 -22.06 3.88
C ALA A 167 12.56 -23.51 4.16
N GLU A 168 12.71 -23.87 5.44
CA GLU A 168 12.97 -25.25 5.81
C GLU A 168 11.79 -26.15 5.42
N ASN A 169 10.57 -25.68 5.65
CA ASN A 169 9.40 -26.43 5.21
C ASN A 169 9.47 -26.75 3.73
N VAL A 170 9.86 -25.76 2.92
CA VAL A 170 9.92 -25.94 1.48
C VAL A 170 11.07 -26.87 1.10
N ALA A 171 12.22 -26.73 1.77
CA ALA A 171 13.32 -27.65 1.53
C ALA A 171 12.91 -29.08 1.83
N ARG A 172 12.32 -29.29 3.02
CA ARG A 172 11.84 -30.62 3.39
C ARG A 172 10.86 -31.16 2.36
N LYS A 173 9.83 -30.38 2.04
CA LYS A 173 8.75 -30.88 1.20
C LYS A 173 9.21 -31.16 -0.23
N TYR A 174 10.14 -30.36 -0.75
CA TYR A 174 10.55 -30.46 -2.14
C TYR A 174 11.95 -31.07 -2.31
N GLY A 175 12.52 -31.63 -1.24
CA GLY A 175 13.74 -32.38 -1.34
C GLY A 175 14.93 -31.57 -1.78
N ILE A 176 15.15 -30.43 -1.15
CA ILE A 176 16.23 -29.51 -1.49
C ILE A 176 17.32 -29.69 -0.43
N THR A 177 18.40 -30.36 -0.79
CA THR A 177 19.46 -30.67 0.17
C THR A 177 20.26 -29.42 0.52
N ARG A 178 20.99 -29.52 1.65
CA ARG A 178 21.94 -28.49 2.03
C ARG A 178 22.99 -28.30 0.93
N ASP A 179 23.56 -29.39 0.43
CA ASP A 179 24.51 -29.31 -0.67
C ASP A 179 23.95 -28.51 -1.83
N ALA A 180 22.68 -28.75 -2.18
CA ALA A 180 22.07 -28.04 -3.31
C ALA A 180 21.89 -26.57 -2.99
N GLN A 181 21.51 -26.25 -1.75
CA GLN A 181 21.34 -24.86 -1.37
C GLN A 181 22.67 -24.11 -1.41
N ASP A 182 23.73 -24.72 -0.85
CA ASP A 182 25.03 -24.08 -0.84
C ASP A 182 25.62 -23.97 -2.24
N ALA A 183 25.28 -24.90 -3.14
CA ALA A 183 25.73 -24.78 -4.52
C ALA A 183 25.09 -23.58 -5.20
N LEU A 184 23.79 -23.36 -4.98
CA LEU A 184 23.14 -22.19 -5.54
C LEU A 184 23.72 -20.90 -4.96
N ALA A 185 23.92 -20.87 -3.65
CA ALA A 185 24.46 -19.67 -3.01
C ALA A 185 25.83 -19.32 -3.56
N LEU A 186 26.71 -20.30 -3.66
CA LEU A 186 28.05 -20.05 -4.20
C LEU A 186 27.96 -19.51 -5.62
N GLU A 187 27.15 -20.16 -6.47
CA GLU A 187 27.06 -19.73 -7.86
C GLU A 187 26.47 -18.34 -7.98
N SER A 188 25.58 -17.96 -7.05
CA SER A 188 25.01 -16.62 -7.08
C SER A 188 26.09 -15.56 -6.87
N HIS A 189 26.98 -15.79 -5.90
CA HIS A 189 28.05 -14.83 -5.65
C HIS A 189 29.00 -14.74 -6.84
N ARG A 190 29.33 -15.88 -7.46
CA ARG A 190 30.26 -15.86 -8.57
C ARG A 190 29.66 -15.16 -9.79
N ARG A 191 28.36 -15.37 -10.04
CA ARG A 191 27.71 -14.68 -11.14
C ARG A 191 27.68 -13.17 -10.90
N ALA A 192 27.33 -12.75 -9.68
CA ALA A 192 27.30 -11.32 -9.37
C ALA A 192 28.70 -10.71 -9.44
N ALA A 193 29.70 -11.43 -8.90
CA ALA A 193 31.07 -10.93 -8.96
C ALA A 193 31.54 -10.79 -10.40
N ARG A 194 31.15 -11.73 -11.26
CA ARG A 194 31.47 -11.62 -12.68
C ARG A 194 30.76 -10.44 -13.32
N ALA A 195 29.47 -10.24 -12.99
CA ALA A 195 28.72 -9.13 -13.55
C ALA A 195 29.32 -7.79 -13.14
N ILE A 196 29.79 -7.70 -11.90
CA ILE A 196 30.42 -6.47 -11.44
C ILE A 196 31.72 -6.24 -12.20
N ALA A 197 32.55 -7.28 -12.33
CA ALA A 197 33.85 -7.12 -12.99
C ALA A 197 33.68 -6.78 -14.46
N GLU A 198 32.70 -7.38 -15.13
CA GLU A 198 32.43 -7.07 -16.53
C GLU A 198 31.62 -5.78 -16.70
N GLY A 199 31.20 -5.16 -15.60
CA GLY A 199 30.46 -3.91 -15.69
C GLY A 199 29.03 -4.05 -16.18
N ARG A 200 28.42 -5.21 -16.01
CA ARG A 200 27.07 -5.42 -16.53
C ARG A 200 26.04 -4.53 -15.86
N PHE A 201 26.30 -4.08 -14.64
CA PHE A 201 25.34 -3.26 -13.90
C PHE A 201 25.58 -1.76 -14.05
N LYS A 202 26.71 -1.34 -14.64
CA LYS A 202 27.06 0.06 -14.63
C LYS A 202 25.93 0.93 -15.18
N ASP A 203 25.37 0.56 -16.33
CA ASP A 203 24.37 1.42 -16.96
C ASP A 203 23.10 1.51 -16.13
N GLN A 204 22.70 0.42 -15.48
CA GLN A 204 21.43 0.41 -14.77
C GLN A 204 21.51 1.04 -13.38
N ILE A 205 22.71 1.32 -12.88
CA ILE A 205 22.90 1.78 -11.51
C ILE A 205 23.05 3.29 -11.49
N LEU A 206 22.32 3.95 -10.59
CA LEU A 206 22.54 5.34 -10.28
C LEU A 206 23.56 5.45 -9.15
N PRO A 207 24.74 6.03 -9.38
CA PRO A 207 25.66 6.25 -8.25
C PRO A 207 25.07 7.20 -7.23
N ILE A 208 25.43 6.98 -5.96
CA ILE A 208 25.05 7.85 -4.86
C ILE A 208 26.33 8.32 -4.18
N SER A 209 26.49 9.63 -4.06
CA SER A 209 27.64 10.20 -3.37
C SER A 209 27.45 10.01 -1.87
N ILE A 210 28.35 9.25 -1.25
CA ILE A 210 28.24 9.02 0.19
C ILE A 210 29.31 9.83 0.91
N ARG A 211 28.98 11.08 1.20
CA ARG A 211 29.58 11.86 2.27
C ARG A 211 30.34 11.00 3.26
N THR A 212 31.66 10.92 3.12
CA THR A 212 32.52 10.31 4.12
C THR A 212 33.49 11.36 4.66
N LYS A 213 34.05 11.08 5.84
CA LYS A 213 35.01 12.01 6.44
C LYS A 213 36.28 12.14 5.60
N LYS A 214 36.56 11.16 4.74
CA LYS A 214 37.67 11.23 3.80
C LYS A 214 37.32 12.01 2.54
N GLY A 215 36.15 12.64 2.51
CA GLY A 215 35.61 13.23 1.31
C GLY A 215 34.56 12.33 0.68
N GLU A 216 33.76 12.93 -0.21
CA GLU A 216 32.69 12.18 -0.84
C GLU A 216 33.26 11.11 -1.77
N VAL A 217 32.65 9.93 -1.74
CA VAL A 217 32.99 8.84 -2.62
C VAL A 217 31.70 8.35 -3.27
N ALA A 218 31.84 7.72 -4.44
CA ALA A 218 30.70 7.24 -5.19
C ALA A 218 30.37 5.82 -4.76
N PHE A 219 29.14 5.62 -4.29
CA PHE A 219 28.62 4.28 -4.01
C PHE A 219 27.89 3.80 -5.26
N ASP A 220 28.49 2.84 -5.97
CA ASP A 220 27.93 2.37 -7.22
C ASP A 220 28.10 0.87 -7.43
N THR A 221 28.40 0.12 -6.37
CA THR A 221 28.68 -1.31 -6.50
C THR A 221 27.99 -2.06 -5.36
N ASP A 222 27.22 -3.07 -5.71
CA ASP A 222 26.48 -3.87 -4.74
C ASP A 222 27.45 -4.52 -3.76
N GLU A 223 27.43 -4.07 -2.50
CA GLU A 223 28.48 -4.38 -1.55
C GLU A 223 28.24 -5.66 -0.75
N HIS A 224 27.12 -6.34 -0.95
CA HIS A 224 26.87 -7.63 -0.29
C HIS A 224 27.62 -8.77 -0.97
N VAL A 225 28.14 -8.55 -2.18
CA VAL A 225 28.72 -9.63 -2.96
C VAL A 225 30.09 -10.00 -2.40
N ARG A 226 30.33 -11.31 -2.26
CA ARG A 226 31.62 -11.84 -1.88
C ARG A 226 32.34 -12.30 -3.14
N HIS A 227 33.47 -11.66 -3.44
CA HIS A 227 34.13 -11.86 -4.72
C HIS A 227 35.13 -13.02 -4.72
N ASP A 228 35.50 -13.54 -3.56
CA ASP A 228 36.47 -14.63 -3.45
C ASP A 228 35.88 -15.80 -2.67
N ALA A 229 34.61 -16.11 -2.94
CA ALA A 229 33.91 -17.15 -2.22
C ALA A 229 34.25 -18.52 -2.80
N GLY A 230 34.41 -19.49 -1.91
CA GLY A 230 34.58 -20.87 -2.30
C GLY A 230 33.61 -21.75 -1.54
N PRO A 231 33.49 -23.02 -1.94
CA PRO A 231 32.48 -23.88 -1.33
C PRO A 231 32.63 -24.00 0.19
N ASP A 232 33.86 -23.90 0.70
CA ASP A 232 34.06 -24.07 2.13
C ASP A 232 33.45 -22.93 2.93
N ASP A 233 33.36 -21.73 2.35
CA ASP A 233 32.78 -20.61 3.07
C ASP A 233 31.33 -20.87 3.46
N PHE A 234 30.62 -21.68 2.67
CA PHE A 234 29.22 -22.00 2.94
C PHE A 234 29.05 -23.31 3.71
N THR A 235 29.95 -24.27 3.53
CA THR A 235 29.83 -25.53 4.25
C THR A 235 30.11 -25.37 5.74
N LYS A 236 30.96 -24.40 6.10
CA LYS A 236 31.31 -24.23 7.52
C LYS A 236 30.18 -23.62 8.34
N LEU A 237 29.23 -22.95 7.70
CA LEU A 237 28.19 -22.25 8.44
C LEU A 237 27.18 -23.23 9.04
N LYS A 238 26.55 -22.80 10.14
CA LYS A 238 25.57 -23.63 10.82
C LYS A 238 24.16 -23.16 10.51
N PRO A 239 23.16 -24.04 10.59
CA PRO A 239 21.78 -23.61 10.38
C PRO A 239 21.35 -22.60 11.44
N VAL A 240 20.54 -21.64 11.02
CA VAL A 240 20.27 -20.45 11.81
C VAL A 240 18.82 -20.38 12.31
N PHE A 241 17.91 -21.14 11.71
CA PHE A 241 16.49 -20.92 11.93
C PHE A 241 15.77 -22.05 12.65
N VAL A 242 16.31 -23.27 12.65
CA VAL A 242 15.73 -24.38 13.39
C VAL A 242 16.84 -25.05 14.19
N LYS A 243 16.47 -25.65 15.32
CA LYS A 243 17.45 -26.28 16.19
C LYS A 243 17.84 -27.68 15.71
N GLU A 244 16.92 -28.39 15.06
CA GLU A 244 17.16 -29.75 14.60
C GLU A 244 17.04 -29.81 13.08
N ASP A 245 17.99 -30.51 12.44
CA ASP A 245 17.88 -30.91 11.04
C ASP A 245 17.78 -29.69 10.12
N GLY A 246 18.56 -28.65 10.42
CA GLY A 246 18.52 -27.45 9.62
C GLY A 246 19.36 -27.54 8.36
N THR A 247 19.00 -26.68 7.39
CA THR A 247 19.75 -26.57 6.14
C THR A 247 19.98 -25.10 5.79
N VAL A 248 19.11 -24.22 6.26
CA VAL A 248 19.16 -22.80 5.89
C VAL A 248 20.15 -22.10 6.81
N THR A 249 21.14 -21.44 6.20
CA THR A 249 22.20 -20.75 6.92
C THR A 249 22.17 -19.27 6.54
N ALA A 250 22.98 -18.49 7.26
CA ALA A 250 23.17 -17.10 6.86
C ALA A 250 23.78 -17.00 5.48
N GLY A 251 24.54 -18.02 5.07
CA GLY A 251 25.21 -17.98 3.78
C GLY A 251 24.33 -18.28 2.60
N ASN A 252 23.36 -19.18 2.77
CA ASN A 252 22.44 -19.53 1.69
C ASN A 252 21.07 -18.88 1.86
N ALA A 253 20.97 -17.87 2.72
CA ALA A 253 19.81 -17.00 2.79
C ALA A 253 20.18 -15.62 2.28
N SER A 254 19.19 -14.90 1.75
CA SER A 254 19.44 -13.57 1.24
C SER A 254 19.79 -12.62 2.38
N GLY A 255 20.44 -11.52 2.02
CA GLY A 255 20.72 -10.47 2.98
C GLY A 255 19.51 -9.60 3.22
N ILE A 256 19.64 -8.77 4.26
CA ILE A 256 18.71 -7.67 4.54
C ILE A 256 19.43 -6.39 4.15
N ASN A 257 18.79 -5.56 3.33
CA ASN A 257 19.55 -4.53 2.60
C ASN A 257 18.73 -3.27 2.38
N ASP A 258 19.41 -2.25 1.84
CA ASP A 258 18.84 -0.95 1.55
C ASP A 258 19.03 -0.64 0.07
N ALA A 259 17.96 -0.17 -0.59
CA ALA A 259 18.08 0.23 -1.99
C ALA A 259 16.75 0.82 -2.45
N ALA A 260 16.77 1.35 -3.68
CA ALA A 260 15.58 1.82 -4.35
C ALA A 260 15.72 1.57 -5.84
N ALA A 261 14.59 1.58 -6.53
CA ALA A 261 14.58 1.38 -7.98
C ALA A 261 13.24 1.88 -8.51
N ALA A 262 13.20 2.13 -9.82
CA ALA A 262 11.97 2.58 -10.45
C ALA A 262 12.07 2.37 -11.94
N VAL A 263 10.91 2.29 -12.58
CA VAL A 263 10.79 2.29 -14.03
C VAL A 263 9.71 3.30 -14.41
N LEU A 264 9.83 3.83 -15.61
CA LEU A 264 8.88 4.79 -16.16
C LEU A 264 8.17 4.11 -17.33
N MET A 265 6.84 4.12 -17.28
CA MET A 265 6.03 3.42 -18.28
C MET A 265 5.12 4.41 -18.97
N MET A 266 4.84 4.11 -20.24
CA MET A 266 3.94 4.92 -21.04
C MET A 266 3.03 3.99 -21.84
N SER A 267 1.83 4.49 -22.16
CA SER A 267 1.02 3.82 -23.17
C SER A 267 1.81 3.70 -24.46
N ALA A 268 1.52 2.65 -25.23
CA ALA A 268 2.23 2.46 -26.49
C ALA A 268 2.07 3.66 -27.41
N ASP A 269 0.88 4.28 -27.40
CA ASP A 269 0.64 5.42 -28.28
C ASP A 269 1.47 6.62 -27.86
N ALA A 270 1.59 6.87 -26.56
CA ALA A 270 2.46 7.96 -26.10
C ALA A 270 3.92 7.66 -26.44
N ALA A 271 4.32 6.39 -26.41
CA ALA A 271 5.69 6.03 -26.76
C ALA A 271 5.94 6.19 -28.24
N ARG A 272 5.03 5.67 -29.07
CA ARG A 272 5.12 5.90 -30.51
C ARG A 272 5.27 7.40 -30.80
N ALA A 273 4.35 8.20 -30.27
CA ALA A 273 4.31 9.62 -30.62
C ALA A 273 5.59 10.33 -30.19
N GLN A 274 6.08 10.03 -28.98
CA GLN A 274 7.29 10.69 -28.51
C GLN A 274 8.53 10.19 -29.24
N GLY A 275 8.49 8.98 -29.78
CA GLY A 275 9.64 8.43 -30.46
C GLY A 275 10.69 7.91 -29.51
N VAL A 276 10.30 7.41 -28.34
CA VAL A 276 11.27 6.91 -27.39
C VAL A 276 11.87 5.60 -27.89
N LYS A 277 13.07 5.30 -27.39
CA LYS A 277 13.74 4.02 -27.61
C LYS A 277 13.63 3.23 -26.31
N PRO A 278 12.62 2.38 -26.16
CA PRO A 278 12.29 1.83 -24.84
C PRO A 278 13.05 0.57 -24.48
N LEU A 279 12.89 0.17 -23.23
CA LEU A 279 13.46 -1.09 -22.77
C LEU A 279 12.61 -2.27 -23.21
N ALA A 280 11.31 -2.23 -22.95
CA ALA A 280 10.48 -3.41 -23.16
C ALA A 280 9.01 -3.00 -23.10
N ARG A 281 8.14 -3.95 -23.45
CA ARG A 281 6.71 -3.84 -23.21
C ARG A 281 6.30 -4.91 -22.21
N LEU A 282 5.24 -4.62 -21.46
CA LEU A 282 4.66 -5.58 -20.55
C LEU A 282 3.77 -6.55 -21.32
N VAL A 283 3.99 -7.85 -21.11
CA VAL A 283 3.25 -8.89 -21.81
C VAL A 283 2.09 -9.39 -20.97
N ALA A 284 2.35 -9.69 -19.69
CA ALA A 284 1.33 -10.26 -18.81
C ALA A 284 1.87 -10.23 -17.39
N TYR A 285 0.98 -10.48 -16.44
CA TYR A 285 1.33 -10.59 -15.04
C TYR A 285 0.29 -11.48 -14.38
N ALA A 286 0.65 -11.99 -13.19
CA ALA A 286 -0.29 -12.84 -12.47
C ALA A 286 0.10 -12.87 -10.99
N HIS A 287 -0.89 -13.15 -10.16
CA HIS A 287 -0.72 -13.31 -8.72
C HIS A 287 -1.11 -14.73 -8.31
N ALA A 288 -0.78 -15.06 -7.07
CA ALA A 288 -1.15 -16.36 -6.51
C ALA A 288 -0.97 -16.31 -5.00
N GLY A 289 -1.81 -17.07 -4.31
CA GLY A 289 -1.64 -17.31 -2.89
C GLY A 289 -1.38 -18.78 -2.64
N VAL A 290 -0.61 -19.06 -1.59
CA VAL A 290 -0.24 -20.42 -1.23
C VAL A 290 -0.28 -20.54 0.30
N ASP A 291 -0.05 -21.74 0.78
CA ASP A 291 0.06 -21.98 2.22
C ASP A 291 1.12 -21.05 2.81
N PRO A 292 0.78 -20.26 3.84
CA PRO A 292 1.80 -19.37 4.43
C PRO A 292 3.05 -20.11 4.89
N ALA A 293 2.91 -21.34 5.39
CA ALA A 293 4.07 -22.10 5.85
C ALA A 293 4.97 -22.54 4.71
N TYR A 294 4.52 -22.44 3.46
CA TYR A 294 5.32 -22.78 2.29
C TYR A 294 5.37 -21.62 1.31
N MET A 295 5.46 -20.40 1.84
CA MET A 295 5.41 -19.21 0.99
C MET A 295 6.50 -19.20 -0.08
N GLY A 296 7.56 -19.97 0.10
CA GLY A 296 8.68 -19.94 -0.84
C GLY A 296 8.37 -20.42 -2.24
N ILE A 297 7.32 -21.24 -2.41
CA ILE A 297 6.97 -21.72 -3.75
C ILE A 297 5.85 -20.90 -4.38
N GLY A 298 5.47 -19.77 -3.76
CA GLY A 298 4.51 -18.88 -4.37
C GLY A 298 4.77 -18.57 -5.81
N PRO A 299 6.03 -18.38 -6.23
CA PRO A 299 6.30 -18.07 -7.63
C PRO A 299 5.84 -19.14 -8.61
N VAL A 300 5.71 -20.39 -8.19
CA VAL A 300 5.37 -21.47 -9.12
C VAL A 300 3.99 -21.21 -9.71
N PRO A 301 2.91 -21.20 -8.91
CA PRO A 301 1.59 -20.94 -9.53
C PRO A 301 1.50 -19.58 -10.20
N ALA A 302 2.15 -18.55 -9.65
CA ALA A 302 2.10 -17.23 -10.28
C ALA A 302 2.75 -17.25 -11.65
N THR A 303 3.91 -17.90 -11.77
CA THR A 303 4.58 -17.98 -13.06
C THR A 303 3.77 -18.77 -14.07
N GLN A 304 3.11 -19.85 -13.62
CA GLN A 304 2.28 -20.65 -14.52
C GLN A 304 1.10 -19.83 -15.04
N LYS A 305 0.41 -19.13 -14.13
CA LYS A 305 -0.73 -18.30 -14.54
C LYS A 305 -0.29 -17.18 -15.48
N ALA A 306 0.94 -16.68 -15.31
CA ALA A 306 1.42 -15.60 -16.17
C ALA A 306 1.81 -16.10 -17.55
N LEU A 307 2.39 -17.29 -17.64
CA LEU A 307 2.70 -17.87 -18.95
C LEU A 307 1.42 -18.18 -19.71
N GLU A 308 0.39 -18.68 -19.00
CA GLU A 308 -0.91 -18.88 -19.61
C GLU A 308 -1.42 -17.59 -20.25
N ARG A 309 -1.41 -16.50 -19.49
CA ARG A 309 -1.95 -15.23 -19.99
C ARG A 309 -1.12 -14.72 -21.17
N ALA A 310 0.20 -14.84 -21.09
CA ALA A 310 1.05 -14.41 -22.19
C ALA A 310 0.97 -15.34 -23.39
N GLY A 311 0.33 -16.50 -23.24
CA GLY A 311 0.37 -17.50 -24.31
C GLY A 311 1.76 -17.99 -24.59
N LEU A 312 2.60 -18.09 -23.56
CA LEU A 312 3.99 -18.47 -23.70
C LEU A 312 4.27 -19.75 -22.93
N LYS A 313 5.44 -20.32 -23.18
CA LYS A 313 5.91 -21.52 -22.51
C LYS A 313 7.22 -21.22 -21.80
N ILE A 314 7.57 -22.08 -20.85
CA ILE A 314 8.81 -21.92 -20.10
C ILE A 314 10.00 -21.75 -21.03
N THR A 315 10.01 -22.50 -22.14
CA THR A 315 11.15 -22.49 -23.04
C THR A 315 11.29 -21.19 -23.83
N ASP A 316 10.25 -20.35 -23.85
CA ASP A 316 10.33 -19.07 -24.54
C ASP A 316 11.04 -18.00 -23.73
N LEU A 317 11.41 -18.29 -22.49
CA LEU A 317 11.98 -17.30 -21.59
C LEU A 317 13.50 -17.27 -21.75
N ASP A 318 14.03 -16.13 -22.19
CA ASP A 318 15.47 -15.98 -22.33
C ASP A 318 16.13 -15.54 -21.04
N VAL A 319 15.43 -14.77 -20.22
CA VAL A 319 15.95 -14.27 -18.94
C VAL A 319 14.91 -14.52 -17.87
N ILE A 320 15.38 -14.89 -16.67
CA ILE A 320 14.49 -15.12 -15.53
C ILE A 320 15.12 -14.48 -14.31
N GLU A 321 14.41 -13.54 -13.69
CA GLU A 321 14.79 -12.97 -12.39
C GLU A 321 13.76 -13.47 -11.39
N ALA A 322 14.13 -14.50 -10.62
CA ALA A 322 13.31 -15.03 -9.54
C ALA A 322 14.10 -14.82 -8.25
N ASN A 323 13.63 -13.92 -7.41
CA ASN A 323 14.43 -13.49 -6.27
C ASN A 323 14.83 -14.68 -5.40
N GLU A 324 16.10 -14.70 -5.02
CA GLU A 324 16.62 -15.73 -4.13
C GLU A 324 16.41 -15.28 -2.68
N ALA A 325 15.18 -15.45 -2.19
CA ALA A 325 14.92 -15.19 -0.78
C ALA A 325 15.71 -16.16 0.08
N PHE A 326 15.59 -17.45 -0.19
CA PHE A 326 16.45 -18.48 0.38
C PHE A 326 16.77 -19.48 -0.73
N ALA A 327 18.01 -19.98 -0.75
CA ALA A 327 18.35 -21.02 -1.71
C ALA A 327 17.39 -22.20 -1.60
N ALA A 328 16.88 -22.46 -0.39
CA ALA A 328 15.94 -23.57 -0.19
C ALA A 328 14.73 -23.43 -1.10
N GLN A 329 14.14 -22.23 -1.17
CA GLN A 329 12.96 -22.05 -2.00
C GLN A 329 13.33 -21.75 -3.45
N ALA A 330 14.42 -21.03 -3.69
CA ALA A 330 14.82 -20.74 -5.06
C ALA A 330 15.09 -22.02 -5.84
N CYS A 331 15.68 -23.03 -5.18
CA CYS A 331 15.88 -24.31 -5.83
C CYS A 331 14.55 -24.99 -6.13
N ALA A 332 13.66 -25.03 -5.14
CA ALA A 332 12.36 -25.66 -5.35
C ALA A 332 11.59 -24.96 -6.46
N VAL A 333 11.69 -23.64 -6.54
CA VAL A 333 11.01 -22.90 -7.60
C VAL A 333 11.54 -23.33 -8.96
N THR A 334 12.86 -23.28 -9.14
CA THR A 334 13.44 -23.71 -10.41
C THR A 334 13.11 -25.17 -10.71
N GLN A 335 13.13 -26.02 -9.68
CA GLN A 335 12.85 -27.44 -9.88
C GLN A 335 11.41 -27.68 -10.31
N GLU A 336 10.47 -27.01 -9.65
CA GLU A 336 9.05 -27.28 -9.90
C GLU A 336 8.58 -26.73 -11.24
N LEU A 337 9.24 -25.71 -11.79
CA LEU A 337 8.87 -25.16 -13.08
C LEU A 337 9.71 -25.72 -14.23
N GLY A 338 10.78 -26.44 -13.93
CA GLY A 338 11.64 -26.98 -14.98
C GLY A 338 12.51 -25.95 -15.65
N LEU A 339 13.00 -24.97 -14.89
CA LEU A 339 13.78 -23.90 -15.48
C LEU A 339 15.25 -24.30 -15.61
N ASP A 340 15.92 -23.70 -16.60
CA ASP A 340 17.34 -23.89 -16.78
C ASP A 340 18.08 -22.99 -15.80
N PRO A 341 18.77 -23.56 -14.79
CA PRO A 341 19.47 -22.69 -13.83
C PRO A 341 20.44 -21.73 -14.48
N ALA A 342 20.88 -22.00 -15.72
CA ALA A 342 21.78 -21.08 -16.41
C ALA A 342 21.06 -19.82 -16.85
N LYS A 343 19.75 -19.90 -17.09
CA LYS A 343 18.97 -18.74 -17.45
C LYS A 343 18.38 -18.02 -16.24
N VAL A 344 18.35 -18.67 -15.08
CA VAL A 344 17.74 -18.11 -13.89
C VAL A 344 18.79 -17.30 -13.14
N ASN A 345 18.52 -16.01 -12.96
CA ASN A 345 19.41 -15.10 -12.25
C ASN A 345 20.83 -15.20 -12.82
N PRO A 346 21.01 -14.87 -14.09
CA PRO A 346 22.35 -15.02 -14.71
C PRO A 346 23.43 -14.20 -14.04
N ASN A 347 23.08 -13.15 -13.29
CA ASN A 347 24.05 -12.28 -12.65
C ASN A 347 23.88 -12.22 -11.15
N GLY A 348 23.29 -13.25 -10.55
CA GLY A 348 23.08 -13.30 -9.12
C GLY A 348 21.72 -12.78 -8.71
N SER A 349 21.44 -12.89 -7.41
CA SER A 349 20.18 -12.37 -6.89
C SER A 349 20.32 -12.18 -5.37
N GLY A 350 19.22 -12.40 -4.65
CA GLY A 350 19.14 -11.95 -3.26
C GLY A 350 20.25 -12.47 -2.37
N ILE A 351 20.75 -13.68 -2.63
CA ILE A 351 21.74 -14.26 -1.74
C ILE A 351 23.05 -13.47 -1.82
N SER A 352 23.40 -12.99 -3.01
CA SER A 352 24.67 -12.30 -3.23
C SER A 352 24.52 -10.79 -3.34
N LEU A 353 23.49 -10.32 -4.04
CA LEU A 353 23.28 -8.89 -4.22
C LEU A 353 22.52 -8.26 -3.07
N GLY A 354 21.68 -9.01 -2.39
CA GLY A 354 20.88 -8.50 -1.29
C GLY A 354 19.40 -8.50 -1.62
N HIS A 355 18.61 -8.24 -0.57
CA HIS A 355 17.15 -8.28 -0.66
C HIS A 355 16.57 -7.07 0.07
N PRO A 356 16.56 -5.90 -0.58
CA PRO A 356 15.95 -4.70 0.01
C PRO A 356 14.43 -4.73 -0.15
N ILE A 357 13.78 -5.51 0.74
CA ILE A 357 12.41 -5.97 0.61
C ILE A 357 11.57 -5.17 -0.38
N GLY A 358 11.09 -4.00 0.03
CA GLY A 358 10.11 -3.29 -0.76
C GLY A 358 10.58 -2.88 -2.15
N ALA A 359 11.89 -2.76 -2.34
CA ALA A 359 12.45 -2.34 -3.61
C ALA A 359 12.87 -3.49 -4.51
N THR A 360 12.95 -4.71 -3.96
CA THR A 360 13.54 -5.82 -4.72
C THR A 360 12.78 -6.10 -6.01
N GLY A 361 11.45 -6.09 -5.95
CA GLY A 361 10.66 -6.44 -7.13
C GLY A 361 10.90 -5.49 -8.29
N ALA A 362 10.97 -4.19 -8.01
CA ALA A 362 11.29 -3.22 -9.07
C ALA A 362 12.76 -3.34 -9.48
N LEU A 363 13.62 -3.56 -8.49
CA LEU A 363 15.06 -3.66 -8.76
C LEU A 363 15.37 -4.80 -9.72
N ILE A 364 14.80 -5.99 -9.48
CA ILE A 364 15.12 -7.13 -10.35
C ILE A 364 14.41 -7.01 -11.69
N THR A 365 13.32 -6.26 -11.77
CA THR A 365 12.76 -5.93 -13.07
C THR A 365 13.77 -5.16 -13.91
N VAL A 366 14.38 -4.12 -13.32
CA VAL A 366 15.43 -3.38 -14.01
C VAL A 366 16.53 -4.34 -14.46
N LYS A 367 16.98 -5.21 -13.56
CA LYS A 367 18.02 -6.16 -13.91
C LYS A 367 17.58 -7.02 -15.10
N ALA A 368 16.32 -7.47 -15.10
CA ALA A 368 15.86 -8.36 -16.16
C ALA A 368 15.87 -7.66 -17.51
N LEU A 369 15.43 -6.41 -17.55
CA LEU A 369 15.32 -5.71 -18.82
C LEU A 369 16.69 -5.33 -19.37
N TYR A 370 17.63 -4.96 -18.50
CA TYR A 370 18.97 -4.66 -18.98
C TYR A 370 19.70 -5.91 -19.43
N GLU A 371 19.41 -7.06 -18.81
CA GLU A 371 20.01 -8.31 -19.27
C GLU A 371 19.43 -8.73 -20.62
N LEU A 372 18.13 -8.51 -20.82
CA LEU A 372 17.56 -8.75 -22.14
C LEU A 372 18.32 -7.98 -23.21
N LYS A 373 18.63 -6.71 -22.93
CA LYS A 373 19.39 -5.91 -23.89
C LYS A 373 20.80 -6.44 -24.05
N ARG A 374 21.40 -7.00 -23.00
CA ARG A 374 22.77 -7.47 -23.09
C ARG A 374 22.89 -8.67 -24.02
N ILE A 375 21.92 -9.60 -23.98
CA ILE A 375 21.99 -10.83 -24.75
C ILE A 375 21.09 -10.81 -25.97
N GLY A 376 20.44 -9.69 -26.26
CA GLY A 376 19.48 -9.66 -27.36
C GLY A 376 18.34 -10.63 -27.17
N GLY A 377 18.01 -10.96 -25.93
CA GLY A 377 16.89 -11.84 -25.67
C GLY A 377 15.56 -11.16 -25.94
N ARG A 378 14.50 -11.97 -25.91
CA ARG A 378 13.16 -11.50 -26.23
C ARG A 378 12.26 -11.39 -25.01
N TYR A 379 12.13 -12.47 -24.23
CA TYR A 379 11.19 -12.53 -23.13
C TYR A 379 11.93 -12.69 -21.81
N ALA A 380 11.43 -12.00 -20.79
CA ALA A 380 11.97 -12.10 -19.44
C ALA A 380 10.82 -12.35 -18.47
N LEU A 381 11.06 -13.24 -17.50
CA LEU A 381 10.13 -13.49 -16.41
C LEU A 381 10.69 -12.88 -15.15
N VAL A 382 9.86 -12.11 -14.45
CA VAL A 382 10.20 -11.58 -13.12
C VAL A 382 9.18 -12.13 -12.15
N THR A 383 9.65 -12.79 -11.09
CA THR A 383 8.77 -13.47 -10.15
C THR A 383 9.44 -13.47 -8.78
N MET A 384 8.61 -13.55 -7.73
CA MET A 384 9.17 -13.64 -6.39
C MET A 384 8.14 -14.16 -5.42
N CYS A 385 8.64 -14.80 -4.36
CA CYS A 385 7.80 -15.28 -3.27
C CYS A 385 7.51 -14.16 -2.29
N ILE A 386 6.44 -14.33 -1.52
CA ILE A 386 5.92 -13.27 -0.67
C ILE A 386 5.54 -13.86 0.69
N GLY A 387 6.04 -13.25 1.76
CA GLY A 387 5.67 -13.69 3.09
C GLY A 387 4.17 -13.60 3.31
N GLY A 388 3.65 -14.52 4.12
CA GLY A 388 2.23 -14.70 4.25
C GLY A 388 1.64 -15.71 3.29
N GLY A 389 2.41 -16.13 2.29
CA GLY A 389 1.96 -17.14 1.35
C GLY A 389 1.38 -16.54 0.08
N GLN A 390 2.22 -15.87 -0.71
CA GLN A 390 1.79 -15.32 -1.98
C GLN A 390 2.92 -15.43 -3.00
N GLY A 391 2.55 -15.23 -4.26
CA GLY A 391 3.53 -15.10 -5.32
C GLY A 391 3.05 -14.06 -6.31
N ILE A 392 4.01 -13.50 -7.05
CA ILE A 392 3.72 -12.51 -8.07
C ILE A 392 4.68 -12.74 -9.22
N ALA A 393 4.20 -12.50 -10.45
CA ALA A 393 5.00 -12.76 -11.64
C ALA A 393 4.56 -11.82 -12.75
N ALA A 394 5.54 -11.41 -13.57
CA ALA A 394 5.29 -10.61 -14.74
C ALA A 394 6.26 -11.02 -15.85
N ILE A 395 5.81 -10.87 -17.09
CA ILE A 395 6.60 -11.22 -18.27
C ILE A 395 6.73 -9.97 -19.14
N PHE A 396 7.95 -9.71 -19.59
CA PHE A 396 8.27 -8.55 -20.41
C PHE A 396 8.84 -9.01 -21.74
N GLU A 397 8.66 -8.20 -22.77
CA GLU A 397 9.24 -8.47 -24.09
C GLU A 397 10.19 -7.33 -24.45
N ASN A 398 11.43 -7.70 -24.76
CA ASN A 398 12.38 -6.74 -25.31
C ASN A 398 11.87 -6.24 -26.65
N ILE A 399 11.92 -4.92 -26.86
CA ILE A 399 11.48 -4.34 -28.12
C ILE A 399 12.37 -3.17 -28.49
N ALA B 6 -13.32 -2.91 -24.27
CA ALA B 6 -13.92 -2.22 -23.13
C ALA B 6 -13.76 -3.05 -21.86
N ALA B 7 -13.94 -2.40 -20.71
CA ALA B 7 -13.66 -3.02 -19.41
C ALA B 7 -14.96 -3.49 -18.76
N LYS B 8 -14.89 -4.64 -18.10
CA LYS B 8 -16.06 -5.24 -17.47
C LYS B 8 -16.64 -4.31 -16.40
N GLU B 9 -17.90 -4.56 -16.06
CA GLU B 9 -18.59 -3.74 -15.06
C GLU B 9 -18.48 -4.37 -13.69
N VAL B 10 -18.41 -3.52 -12.66
CA VAL B 10 -18.13 -3.93 -11.29
C VAL B 10 -19.38 -3.67 -10.46
N VAL B 11 -19.86 -4.71 -9.79
CA VAL B 11 -21.07 -4.66 -8.98
C VAL B 11 -20.68 -4.79 -7.52
N VAL B 12 -21.23 -3.91 -6.67
CA VAL B 12 -21.05 -4.00 -5.23
C VAL B 12 -22.23 -4.79 -4.67
N VAL B 13 -21.98 -6.04 -4.27
CA VAL B 13 -23.07 -6.88 -3.79
C VAL B 13 -23.32 -6.68 -2.30
N SER B 14 -22.28 -6.43 -1.51
CA SER B 14 -22.45 -6.34 -0.07
C SER B 14 -21.43 -5.41 0.53
N GLY B 15 -21.76 -4.88 1.70
CA GLY B 15 -20.86 -4.01 2.43
C GLY B 15 -21.23 -3.96 3.90
N VAL B 16 -20.25 -3.58 4.73
CA VAL B 16 -20.47 -3.50 6.17
C VAL B 16 -19.41 -2.59 6.77
N ARG B 17 -19.64 -2.15 8.00
CA ARG B 17 -18.68 -1.36 8.74
C ARG B 17 -18.87 -1.63 10.22
N THR B 18 -17.83 -1.40 11.00
CA THR B 18 -17.97 -1.35 12.44
C THR B 18 -18.50 0.02 12.86
N ALA B 19 -18.99 0.08 14.09
CA ALA B 19 -19.16 1.39 14.72
C ALA B 19 -17.79 2.03 14.90
N ILE B 20 -17.75 3.35 14.84
CA ILE B 20 -16.49 4.08 14.91
C ILE B 20 -16.15 4.33 16.37
N GLY B 21 -14.96 3.91 16.78
CA GLY B 21 -14.54 4.06 18.17
C GLY B 21 -13.74 5.34 18.39
N ASP B 22 -13.85 5.87 19.60
CA ASP B 22 -13.13 7.07 19.97
C ASP B 22 -11.67 6.75 20.26
N PHE B 23 -10.83 7.78 20.15
CA PHE B 23 -9.44 7.66 20.55
C PHE B 23 -9.35 7.25 22.01
N GLY B 24 -8.85 6.05 22.28
CA GLY B 24 -8.83 5.53 23.63
C GLY B 24 -10.15 4.97 24.09
N GLY B 25 -11.03 4.62 23.16
CA GLY B 25 -12.38 4.20 23.51
C GLY B 25 -12.64 2.72 23.33
N SER B 26 -13.83 2.40 22.80
CA SER B 26 -14.36 1.05 22.91
C SER B 26 -13.57 0.01 22.12
N LEU B 27 -12.86 0.43 21.07
CA LEU B 27 -12.15 -0.52 20.22
C LEU B 27 -10.63 -0.47 20.42
N LYS B 28 -10.16 0.15 21.50
CA LYS B 28 -8.73 0.30 21.68
C LYS B 28 -8.03 -1.04 21.90
N ASP B 29 -8.76 -2.11 22.19
CA ASP B 29 -8.17 -3.42 22.41
C ASP B 29 -8.27 -4.33 21.19
N PHE B 30 -8.76 -3.80 20.06
CA PHE B 30 -8.94 -4.59 18.84
C PHE B 30 -7.94 -4.11 17.81
N SER B 31 -6.96 -4.96 17.48
CA SER B 31 -5.93 -4.59 16.53
C SER B 31 -6.54 -4.39 15.14
N PRO B 32 -5.80 -3.74 14.23
CA PRO B 32 -6.35 -3.55 12.88
C PRO B 32 -6.60 -4.84 12.13
N THR B 33 -5.77 -5.87 12.32
CA THR B 33 -6.02 -7.14 11.65
C THR B 33 -7.22 -7.85 12.26
N ASP B 34 -7.46 -7.68 13.56
CA ASP B 34 -8.67 -8.22 14.18
C ASP B 34 -9.91 -7.58 13.56
N LEU B 35 -9.96 -6.25 13.50
CA LEU B 35 -11.09 -5.57 12.89
C LEU B 35 -11.21 -5.93 11.42
N GLY B 36 -10.09 -5.95 10.70
CA GLY B 36 -10.12 -6.32 9.29
C GLY B 36 -10.76 -7.68 9.07
N ALA B 37 -10.34 -8.68 9.85
CA ALA B 37 -10.88 -10.02 9.68
C ALA B 37 -12.38 -10.04 9.99
N LYS B 38 -12.81 -9.32 11.02
CA LYS B 38 -14.23 -9.31 11.37
C LYS B 38 -15.08 -8.82 10.20
N VAL B 39 -14.65 -7.73 9.56
CA VAL B 39 -15.45 -7.18 8.46
C VAL B 39 -15.32 -8.03 7.21
N VAL B 40 -14.18 -8.70 7.02
CA VAL B 40 -14.05 -9.60 5.88
C VAL B 40 -15.04 -10.76 5.99
N SER B 41 -15.06 -11.43 7.14
CA SER B 41 -15.98 -12.55 7.32
C SER B 41 -17.43 -12.11 7.13
N GLU B 42 -17.76 -10.90 7.57
CA GLU B 42 -19.15 -10.45 7.52
C GLU B 42 -19.58 -10.14 6.10
N VAL B 43 -18.74 -9.49 5.30
CA VAL B 43 -19.14 -9.20 3.93
C VAL B 43 -19.27 -10.49 3.12
N LEU B 44 -18.47 -11.50 3.43
CA LEU B 44 -18.65 -12.80 2.80
C LEU B 44 -20.02 -13.37 3.12
N SER B 45 -20.41 -13.31 4.40
CA SER B 45 -21.73 -13.79 4.79
C SER B 45 -22.83 -12.99 4.12
N ARG B 46 -22.78 -11.66 4.24
CA ARG B 46 -23.84 -10.83 3.69
C ARG B 46 -24.02 -11.05 2.19
N ALA B 47 -22.96 -11.42 1.48
CA ALA B 47 -23.02 -11.68 0.05
C ALA B 47 -23.23 -13.14 -0.28
N ASN B 48 -23.22 -14.03 0.71
CA ASN B 48 -23.38 -15.46 0.48
C ASN B 48 -22.32 -15.98 -0.48
N VAL B 49 -21.08 -15.55 -0.26
CA VAL B 49 -19.95 -15.92 -1.11
C VAL B 49 -19.02 -16.81 -0.30
N SER B 50 -18.57 -17.90 -0.91
CA SER B 50 -17.62 -18.78 -0.25
C SER B 50 -16.25 -18.12 -0.19
N GLY B 51 -15.59 -18.25 0.95
CA GLY B 51 -14.22 -17.77 1.06
C GLY B 51 -13.26 -18.40 0.08
N ASP B 52 -13.68 -19.45 -0.61
CA ASP B 52 -12.87 -20.12 -1.63
C ASP B 52 -13.01 -19.49 -3.01
N ALA B 53 -13.90 -18.51 -3.17
CA ALA B 53 -14.22 -17.97 -4.50
C ALA B 53 -13.82 -16.50 -4.64
N VAL B 54 -12.95 -16.00 -3.76
CA VAL B 54 -12.53 -14.60 -3.79
C VAL B 54 -11.26 -14.48 -4.62
N GLY B 55 -11.28 -13.56 -5.58
CA GLY B 55 -10.15 -13.40 -6.48
C GLY B 55 -9.05 -12.51 -5.97
N HIS B 56 -9.41 -11.51 -5.15
CA HIS B 56 -8.45 -10.55 -4.64
C HIS B 56 -9.00 -9.92 -3.37
N VAL B 57 -8.09 -9.58 -2.46
CA VAL B 57 -8.41 -8.77 -1.29
C VAL B 57 -7.46 -7.59 -1.25
N VAL B 58 -8.02 -6.39 -1.07
CA VAL B 58 -7.24 -5.16 -0.96
C VAL B 58 -7.75 -4.38 0.24
N PHE B 59 -6.84 -3.97 1.12
CA PHE B 59 -7.19 -3.19 2.29
C PHE B 59 -6.35 -1.93 2.37
N GLY B 60 -6.99 -0.84 2.78
CA GLY B 60 -6.29 0.41 3.05
C GLY B 60 -5.96 0.51 4.53
N HIS B 61 -4.77 1.05 4.81
CA HIS B 61 -4.23 1.09 6.16
C HIS B 61 -2.96 1.93 6.17
N VAL B 62 -2.82 2.83 7.13
CA VAL B 62 -1.77 3.85 7.10
C VAL B 62 -0.76 3.66 8.23
N VAL B 63 -1.22 3.51 9.46
CA VAL B 63 -0.34 3.53 10.63
C VAL B 63 -0.17 2.10 11.14
N ASN B 64 1.03 1.55 10.94
CA ASN B 64 1.33 0.21 11.42
C ASN B 64 1.47 0.22 12.94
N THR B 65 0.67 -0.61 13.62
CA THR B 65 0.69 -0.70 15.07
C THR B 65 1.50 -1.89 15.59
N GLU B 66 1.86 -2.82 14.72
CA GLU B 66 2.63 -3.99 15.11
C GLU B 66 3.09 -4.70 13.85
N PRO B 67 4.03 -5.63 13.95
CA PRO B 67 4.50 -6.32 12.73
C PRO B 67 3.38 -6.87 11.86
N LYS B 68 2.37 -7.51 12.46
CA LYS B 68 1.29 -8.11 11.70
C LYS B 68 0.68 -7.11 10.71
N ASP B 69 0.60 -5.84 11.08
CA ASP B 69 -0.05 -4.85 10.22
C ASP B 69 0.63 -4.76 8.86
N MET B 70 1.94 -5.03 8.80
CA MET B 70 2.61 -5.06 7.50
C MET B 70 2.06 -6.19 6.62
N TYR B 71 1.28 -7.11 7.20
CA TYR B 71 0.59 -8.16 6.46
C TYR B 71 -0.93 -7.97 6.51
N LEU B 72 -1.39 -6.74 6.70
CA LEU B 72 -2.77 -6.52 7.13
C LEU B 72 -3.77 -7.20 6.18
N ALA B 73 -3.71 -6.88 4.89
CA ALA B 73 -4.67 -7.43 3.95
C ALA B 73 -4.69 -8.96 4.01
N ARG B 74 -3.51 -9.57 4.09
CA ARG B 74 -3.44 -11.02 4.10
C ARG B 74 -3.98 -11.60 5.40
N VAL B 75 -3.70 -10.94 6.53
CA VAL B 75 -4.18 -11.46 7.81
C VAL B 75 -5.70 -11.29 7.91
N ALA B 76 -6.21 -10.12 7.51
CA ALA B 76 -7.65 -9.90 7.52
C ALA B 76 -8.35 -10.93 6.64
N ALA B 77 -7.80 -11.20 5.46
CA ALA B 77 -8.42 -12.16 4.55
C ALA B 77 -8.41 -13.57 5.15
N ILE B 78 -7.22 -14.04 5.55
CA ILE B 78 -7.09 -15.42 6.04
C ILE B 78 -7.95 -15.62 7.28
N ASN B 79 -7.73 -14.79 8.30
CA ASN B 79 -8.51 -14.91 9.53
C ASN B 79 -9.97 -14.52 9.31
N GLY B 80 -10.28 -13.81 8.24
CA GLY B 80 -11.65 -13.53 7.87
C GLY B 80 -12.36 -14.66 7.16
N GLY B 81 -11.64 -15.74 6.85
CA GLY B 81 -12.24 -16.90 6.21
C GLY B 81 -11.96 -17.05 4.74
N VAL B 82 -11.06 -16.26 4.16
CA VAL B 82 -10.76 -16.35 2.74
C VAL B 82 -9.69 -17.41 2.54
N ALA B 83 -9.85 -18.19 1.46
CA ALA B 83 -8.90 -19.25 1.18
C ALA B 83 -7.50 -18.68 0.97
N GLN B 84 -6.50 -19.49 1.31
CA GLN B 84 -5.11 -19.06 1.23
C GLN B 84 -4.62 -18.85 -0.19
N HIS B 85 -5.40 -19.24 -1.21
CA HIS B 85 -4.99 -19.05 -2.59
C HIS B 85 -5.37 -17.67 -3.13
N THR B 86 -6.01 -16.83 -2.33
CA THR B 86 -6.41 -15.51 -2.77
C THR B 86 -5.31 -14.50 -2.47
N PRO B 87 -4.82 -13.75 -3.47
CA PRO B 87 -3.84 -12.71 -3.18
C PRO B 87 -4.41 -11.61 -2.30
N ALA B 88 -3.52 -10.93 -1.58
CA ALA B 88 -3.91 -9.89 -0.64
C ALA B 88 -2.93 -8.73 -0.72
N LEU B 89 -3.47 -7.52 -0.83
CA LEU B 89 -2.67 -6.32 -1.01
C LEU B 89 -3.08 -5.26 0.01
N THR B 90 -2.08 -4.60 0.60
CA THR B 90 -2.32 -3.45 1.46
C THR B 90 -1.90 -2.19 0.71
N VAL B 91 -2.76 -1.17 0.72
CA VAL B 91 -2.49 0.09 0.03
C VAL B 91 -2.57 1.24 1.02
N ASN B 92 -1.74 2.26 0.78
CA ASN B 92 -1.69 3.45 1.61
C ASN B 92 -1.74 4.68 0.70
N ARG B 93 -2.90 5.32 0.63
CA ARG B 93 -3.01 6.66 0.08
C ARG B 93 -3.51 7.59 1.18
N LEU B 94 -2.86 7.54 2.34
CA LEU B 94 -3.26 8.29 3.53
C LEU B 94 -4.77 8.18 3.74
N GLY B 96 -7.32 8.67 1.94
CA GLY B 96 -8.09 8.03 0.89
C GLY B 96 -7.87 6.54 0.76
N SER B 97 -7.06 5.96 1.64
CA SER B 97 -6.67 4.56 1.49
C SER B 97 -7.87 3.63 1.38
N GLY B 98 -8.92 3.91 2.16
CA GLY B 98 -10.08 3.02 2.16
C GLY B 98 -10.81 3.00 0.83
N LEU B 99 -10.98 4.18 0.23
CA LEU B 99 -11.60 4.23 -1.09
C LEU B 99 -10.64 3.72 -2.16
N GLN B 100 -9.35 4.00 -2.00
CA GLN B 100 -8.35 3.45 -2.92
C GLN B 100 -8.41 1.93 -2.94
N ALA B 101 -8.54 1.30 -1.76
CA ALA B 101 -8.64 -0.14 -1.71
C ALA B 101 -9.83 -0.63 -2.52
N ILE B 102 -10.98 0.05 -2.40
CA ILE B 102 -12.14 -0.32 -3.20
C ILE B 102 -11.82 -0.13 -4.69
N VAL B 103 -11.15 0.97 -5.03
CA VAL B 103 -10.80 1.21 -6.43
C VAL B 103 -9.88 0.10 -6.94
N SER B 104 -8.82 -0.21 -6.18
CA SER B 104 -7.86 -1.22 -6.63
C SER B 104 -8.54 -2.58 -6.80
N ALA B 105 -9.38 -2.97 -5.84
CA ALA B 105 -10.10 -4.23 -5.96
C ALA B 105 -11.00 -4.22 -7.19
N ALA B 106 -11.68 -3.11 -7.45
CA ALA B 106 -12.52 -3.02 -8.64
C ALA B 106 -11.72 -3.16 -9.91
N GLN B 107 -10.47 -2.67 -9.92
CA GLN B 107 -9.66 -2.74 -11.13
C GLN B 107 -9.35 -4.19 -11.51
N THR B 108 -9.15 -5.06 -10.52
CA THR B 108 -8.92 -6.47 -10.85
C THR B 108 -10.12 -7.08 -11.55
N ILE B 109 -11.32 -6.63 -11.20
CA ILE B 109 -12.52 -7.11 -11.90
C ILE B 109 -12.61 -6.47 -13.28
N MET B 110 -12.39 -5.14 -13.35
CA MET B 110 -12.42 -4.45 -14.63
C MET B 110 -11.46 -5.08 -15.62
N LEU B 111 -10.29 -5.51 -15.15
CA LEU B 111 -9.25 -6.05 -16.00
C LEU B 111 -9.37 -7.55 -16.23
N GLY B 112 -10.34 -8.20 -15.60
CA GLY B 112 -10.51 -9.63 -15.79
C GLY B 112 -9.52 -10.50 -15.05
N ASP B 113 -8.79 -9.95 -14.09
CA ASP B 113 -7.92 -10.76 -13.24
C ASP B 113 -8.70 -11.49 -12.16
N ALA B 114 -9.90 -11.02 -11.86
CA ALA B 114 -10.78 -11.64 -10.88
C ALA B 114 -12.21 -11.28 -11.26
N ASP B 115 -13.16 -12.10 -10.80
CA ASP B 115 -14.57 -11.71 -10.85
C ASP B 115 -15.17 -11.67 -9.45
N VAL B 116 -14.35 -11.85 -8.42
CA VAL B 116 -14.75 -11.57 -7.04
C VAL B 116 -13.58 -10.89 -6.34
N ALA B 117 -13.86 -9.81 -5.63
CA ALA B 117 -12.83 -9.05 -4.94
C ALA B 117 -13.42 -8.34 -3.74
N ILE B 118 -12.62 -8.22 -2.69
CA ILE B 118 -13.00 -7.50 -1.49
C ILE B 118 -12.14 -6.26 -1.37
N GLY B 119 -12.78 -5.12 -1.09
CA GLY B 119 -12.07 -3.88 -0.84
C GLY B 119 -12.50 -3.26 0.47
N GLY B 120 -11.54 -2.90 1.31
CA GLY B 120 -11.87 -2.31 2.58
C GLY B 120 -10.71 -1.54 3.15
N GLY B 121 -10.86 -1.16 4.41
CA GLY B 121 -9.80 -0.49 5.15
C GLY B 121 -9.94 -0.82 6.62
N SER B 122 -8.84 -0.65 7.34
CA SER B 122 -8.84 -0.89 8.78
C SER B 122 -7.79 -0.01 9.42
N GLU B 123 -8.15 0.60 10.55
CA GLU B 123 -7.25 1.51 11.25
C GLU B 123 -7.64 1.57 12.71
N ASN B 124 -6.63 1.53 13.59
CA ASN B 124 -6.82 1.72 15.03
C ASN B 124 -5.79 2.74 15.49
N MET B 125 -6.20 4.01 15.53
CA MET B 125 -5.28 5.08 15.91
C MET B 125 -4.94 5.02 17.39
N SER B 126 -5.85 4.50 18.23
CA SER B 126 -5.53 4.32 19.64
C SER B 126 -4.24 3.50 19.79
N ARG B 127 -4.05 2.49 18.96
CA ARG B 127 -2.91 1.60 19.03
C ARG B 127 -1.73 2.10 18.21
N ALA B 128 -1.81 3.30 17.65
CA ALA B 128 -0.68 3.87 16.93
C ALA B 128 0.55 3.87 17.83
N PRO B 129 1.69 3.36 17.38
CA PRO B 129 2.84 3.23 18.26
C PRO B 129 3.71 4.48 18.30
N TYR B 130 4.62 4.48 19.26
CA TYR B 130 5.80 5.34 19.23
C TYR B 130 6.97 4.53 18.71
N THR B 131 7.83 5.17 17.94
CA THR B 131 9.03 4.53 17.41
C THR B 131 10.28 5.14 18.02
N VAL B 132 11.37 4.40 17.93
CA VAL B 132 12.68 4.86 18.37
C VAL B 132 13.66 4.69 17.21
N PRO B 133 13.86 5.70 16.37
CA PRO B 133 14.74 5.52 15.20
C PRO B 133 16.18 5.23 15.56
N SER B 134 16.62 5.59 16.78
CA SER B 134 18.00 5.39 17.18
C SER B 134 18.24 4.04 17.84
N ALA B 135 17.20 3.22 18.01
CA ALA B 135 17.32 2.03 18.84
C ALA B 135 18.09 0.90 18.16
N ARG B 136 18.05 0.80 16.84
CA ARG B 136 18.72 -0.32 16.18
C ARG B 136 20.23 -0.24 16.35
N PHE B 137 20.82 0.91 16.04
CA PHE B 137 22.27 1.08 16.08
C PHE B 137 22.73 2.02 17.18
N GLY B 138 21.81 2.62 17.93
CA GLY B 138 22.18 3.31 19.15
C GLY B 138 22.27 4.82 18.96
N GLN B 139 22.13 5.54 20.08
CA GLN B 139 22.27 6.99 20.11
C GLN B 139 23.69 7.42 20.48
N ARG B 140 24.41 6.57 21.20
CA ARG B 140 25.77 6.84 21.68
C ARG B 140 25.78 7.89 22.77
N MET B 141 25.29 9.10 22.49
CA MET B 141 25.11 10.07 23.56
C MET B 141 24.23 11.21 23.07
N GLY B 142 23.72 11.97 24.02
CA GLY B 142 22.66 12.93 23.77
C GLY B 142 21.30 12.28 23.89
N ASP B 143 20.30 13.11 24.22
CA ASP B 143 18.93 12.62 24.26
C ASP B 143 18.45 12.25 22.87
N ALA B 144 17.65 11.20 22.78
CA ALA B 144 17.01 10.76 21.56
C ALA B 144 15.50 10.99 21.70
N LYS B 145 14.76 10.72 20.63
CA LYS B 145 13.32 11.00 20.62
C LYS B 145 12.49 9.74 20.45
N LEU B 146 11.38 9.69 21.20
CA LEU B 146 10.27 8.79 20.95
C LEU B 146 9.33 9.48 19.97
N VAL B 147 9.13 8.89 18.81
CA VAL B 147 8.40 9.54 17.72
C VAL B 147 6.96 9.04 17.70
N ASP B 148 6.03 9.98 17.80
CA ASP B 148 4.59 9.69 17.76
C ASP B 148 4.20 9.45 16.32
N MET B 149 4.00 8.18 15.94
CA MET B 149 3.66 7.86 14.56
C MET B 149 2.25 8.29 14.21
N MET B 150 1.36 8.42 15.20
CA MET B 150 0.04 8.94 14.93
C MET B 150 0.11 10.41 14.52
N LEU B 151 0.77 11.23 15.32
CA LEU B 151 0.93 12.64 14.98
C LEU B 151 1.75 12.81 13.71
N GLY B 152 2.72 11.92 13.48
CA GLY B 152 3.51 12.02 12.26
C GLY B 152 2.70 11.77 11.02
N ALA B 153 1.70 10.87 11.09
CA ALA B 153 0.83 10.63 9.95
C ALA B 153 -0.11 11.81 9.70
N LEU B 154 -0.32 12.67 10.68
CA LEU B 154 -1.15 13.86 10.53
C LEU B 154 -0.35 15.10 10.20
N HIS B 155 0.93 14.95 9.88
CA HIS B 155 1.79 16.09 9.55
C HIS B 155 2.19 16.01 8.08
N ASP B 156 2.08 17.14 7.40
CA ASP B 156 2.53 17.22 6.02
C ASP B 156 4.03 16.95 5.96
N PRO B 157 4.49 16.01 5.14
CA PRO B 157 5.92 15.65 5.16
C PRO B 157 6.82 16.71 4.55
N PHE B 158 6.27 17.72 3.88
CA PHE B 158 7.07 18.71 3.18
C PHE B 158 7.38 19.93 4.04
N GLN B 159 6.36 20.51 4.67
CA GLN B 159 6.55 21.64 5.57
C GLN B 159 6.49 21.25 7.04
N THR B 160 6.25 19.98 7.34
CA THR B 160 6.13 19.49 8.72
C THR B 160 5.19 20.37 9.53
N ILE B 161 3.98 20.51 9.00
CA ILE B 161 2.89 21.22 9.67
C ILE B 161 1.74 20.26 9.85
N HIS B 162 1.01 20.40 10.96
CA HIS B 162 -0.15 19.57 11.19
C HIS B 162 -1.17 19.78 10.07
N MET B 163 -1.91 18.71 9.75
CA MET B 163 -2.96 18.82 8.73
C MET B 163 -3.88 19.99 9.01
N GLY B 164 -4.02 20.40 10.28
CA GLY B 164 -4.90 21.50 10.61
C GLY B 164 -4.39 22.84 10.12
N VAL B 165 -3.08 22.98 9.99
CA VAL B 165 -2.53 24.21 9.43
C VAL B 165 -2.93 24.34 7.96
N THR B 166 -2.97 23.23 7.23
CA THR B 166 -3.45 23.28 5.85
C THR B 166 -4.94 23.59 5.81
N ALA B 167 -5.69 23.23 6.86
CA ALA B 167 -7.09 23.60 6.95
C ALA B 167 -7.23 25.12 7.09
N GLU B 168 -6.37 25.74 7.90
CA GLU B 168 -6.40 27.19 8.04
C GLU B 168 -6.04 27.88 6.72
N ASN B 169 -5.04 27.34 6.01
CA ASN B 169 -4.73 27.86 4.69
C ASN B 169 -5.94 27.80 3.77
N VAL B 170 -6.67 26.67 3.81
CA VAL B 170 -7.86 26.53 2.97
C VAL B 170 -8.94 27.50 3.41
N ALA B 171 -9.10 27.69 4.72
CA ALA B 171 -10.12 28.63 5.22
C ALA B 171 -9.79 30.06 4.80
N ARG B 172 -8.53 30.48 4.98
CA ARG B 172 -8.12 31.82 4.57
C ARG B 172 -8.35 32.02 3.08
N LYS B 173 -7.86 31.08 2.26
CA LYS B 173 -7.89 31.27 0.82
C LYS B 173 -9.30 31.31 0.28
N TYR B 174 -10.19 30.46 0.81
CA TYR B 174 -11.52 30.29 0.24
C TYR B 174 -12.63 30.97 1.04
N GLY B 175 -12.27 31.72 2.09
CA GLY B 175 -13.24 32.56 2.78
C GLY B 175 -14.23 31.78 3.63
N ILE B 176 -13.73 30.94 4.52
CA ILE B 176 -14.55 30.11 5.39
C ILE B 176 -14.38 30.65 6.80
N THR B 177 -15.44 31.25 7.34
CA THR B 177 -15.36 31.89 8.64
C THR B 177 -15.40 30.86 9.77
N ARG B 178 -15.00 31.32 10.96
CA ARG B 178 -15.18 30.52 12.17
C ARG B 178 -16.66 30.22 12.41
N ASP B 179 -17.51 31.22 12.19
CA ASP B 179 -18.95 30.99 12.31
C ASP B 179 -19.40 29.91 11.32
N ALA B 180 -18.91 29.97 10.08
CA ALA B 180 -19.31 28.98 9.09
C ALA B 180 -18.84 27.59 9.46
N GLN B 181 -17.62 27.48 10.00
CA GLN B 181 -17.10 26.17 10.39
C GLN B 181 -17.91 25.57 11.53
N ASP B 182 -18.13 26.34 12.59
CA ASP B 182 -18.90 25.83 13.72
C ASP B 182 -20.34 25.51 13.34
N ALA B 183 -20.86 26.14 12.29
CA ALA B 183 -22.20 25.79 11.80
C ALA B 183 -22.21 24.37 11.24
N LEU B 184 -21.29 24.08 10.31
CA LEU B 184 -21.23 22.74 9.74
C LEU B 184 -20.97 21.69 10.82
N ALA B 185 -20.13 22.02 11.81
CA ALA B 185 -19.82 21.07 12.86
C ALA B 185 -21.06 20.72 13.66
N LEU B 186 -21.80 21.75 14.09
CA LEU B 186 -22.99 21.50 14.91
C LEU B 186 -24.01 20.67 14.15
N GLU B 187 -24.29 21.03 12.90
CA GLU B 187 -25.27 20.27 12.12
C GLU B 187 -24.82 18.83 11.95
N SER B 188 -23.54 18.62 11.61
CA SER B 188 -23.03 17.26 11.43
C SER B 188 -23.34 16.40 12.65
N HIS B 189 -23.09 16.93 13.85
CA HIS B 189 -23.42 16.18 15.06
C HIS B 189 -24.91 15.90 15.15
N ARG B 190 -25.74 16.85 14.71
CA ARG B 190 -27.18 16.67 14.84
C ARG B 190 -27.70 15.67 13.80
N ARG B 191 -27.24 15.78 12.56
CA ARG B 191 -27.64 14.79 11.55
C ARG B 191 -27.25 13.38 11.99
N ALA B 192 -26.05 13.24 12.58
CA ALA B 192 -25.62 11.93 13.04
C ALA B 192 -26.48 11.44 14.20
N ALA B 193 -26.71 12.31 15.18
CA ALA B 193 -27.60 11.95 16.28
C ALA B 193 -28.96 11.53 15.77
N ARG B 194 -29.47 12.22 14.74
CA ARG B 194 -30.71 11.80 14.11
C ARG B 194 -30.57 10.40 13.52
N ALA B 195 -29.48 10.16 12.79
CA ALA B 195 -29.29 8.87 12.13
C ALA B 195 -29.25 7.75 13.17
N ILE B 196 -28.55 7.97 14.28
CA ILE B 196 -28.49 6.96 15.33
C ILE B 196 -29.87 6.75 15.94
N ALA B 197 -30.64 7.82 16.10
CA ALA B 197 -31.96 7.71 16.70
C ALA B 197 -32.93 6.98 15.77
N GLU B 198 -33.01 7.41 14.51
CA GLU B 198 -33.86 6.76 13.54
C GLU B 198 -33.33 5.39 13.11
N GLY B 199 -32.15 5.00 13.58
CA GLY B 199 -31.61 3.68 13.27
C GLY B 199 -31.09 3.52 11.86
N ARG B 200 -30.75 4.62 11.18
CA ARG B 200 -30.33 4.53 9.79
C ARG B 200 -29.05 3.70 9.64
N PHE B 201 -28.24 3.62 10.69
CA PHE B 201 -26.98 2.90 10.63
C PHE B 201 -27.09 1.44 11.04
N LYS B 202 -28.25 1.00 11.54
CA LYS B 202 -28.33 -0.32 12.16
C LYS B 202 -27.85 -1.41 11.21
N ASP B 203 -28.35 -1.42 9.97
CA ASP B 203 -28.08 -2.55 9.08
C ASP B 203 -26.62 -2.56 8.63
N GLN B 204 -26.03 -1.39 8.41
CA GLN B 204 -24.66 -1.36 7.89
C GLN B 204 -23.61 -1.66 8.96
N ILE B 205 -23.95 -1.54 10.24
CA ILE B 205 -22.98 -1.69 11.31
C ILE B 205 -22.90 -3.15 11.74
N LEU B 206 -21.68 -3.66 11.86
CA LEU B 206 -21.44 -4.95 12.50
C LEU B 206 -21.18 -4.72 13.98
N PRO B 207 -22.02 -5.21 14.88
CA PRO B 207 -21.72 -5.08 16.31
C PRO B 207 -20.49 -5.89 16.69
N ILE B 208 -19.76 -5.37 17.68
CA ILE B 208 -18.59 -6.04 18.23
C ILE B 208 -18.80 -6.15 19.73
N SER B 209 -18.78 -7.36 20.26
CA SER B 209 -18.89 -7.57 21.69
C SER B 209 -17.60 -7.11 22.36
N ILE B 210 -17.69 -6.13 23.24
CA ILE B 210 -16.52 -5.61 23.95
C ILE B 210 -16.55 -6.17 25.37
N ARG B 211 -15.98 -7.37 25.51
CA ARG B 211 -15.53 -7.93 26.78
C ARG B 211 -15.26 -6.87 27.86
N THR B 212 -16.28 -6.50 28.62
CA THR B 212 -16.08 -5.67 29.81
C THR B 212 -16.13 -6.55 31.07
N LYS B 213 -15.72 -5.94 32.19
CA LYS B 213 -15.71 -6.65 33.46
C LYS B 213 -17.10 -6.81 34.06
N LYS B 214 -18.09 -6.09 33.53
CA LYS B 214 -19.48 -6.23 33.94
C LYS B 214 -20.22 -7.26 33.09
N GLY B 215 -19.49 -8.13 32.40
CA GLY B 215 -20.05 -8.92 31.33
C GLY B 215 -19.95 -8.21 29.99
N GLU B 216 -20.02 -9.00 28.93
CA GLU B 216 -19.86 -8.45 27.58
C GLU B 216 -21.00 -7.50 27.25
N VAL B 217 -20.68 -6.49 26.42
CA VAL B 217 -21.67 -5.55 25.91
C VAL B 217 -21.39 -5.29 24.44
N ALA B 218 -22.46 -5.09 23.67
CA ALA B 218 -22.32 -4.88 22.24
C ALA B 218 -21.98 -3.42 21.95
N PHE B 219 -20.90 -3.21 21.21
CA PHE B 219 -20.51 -1.88 20.73
C PHE B 219 -21.01 -1.75 19.30
N ASP B 220 -22.13 -1.03 19.13
CA ASP B 220 -22.75 -0.93 17.82
C ASP B 220 -23.24 0.50 17.52
N THR B 221 -22.68 1.50 18.19
CA THR B 221 -23.11 2.88 17.98
C THR B 221 -21.88 3.79 17.97
N ASP B 222 -21.80 4.65 16.96
CA ASP B 222 -20.66 5.55 16.78
C ASP B 222 -20.55 6.50 17.97
N GLU B 223 -19.50 6.33 18.78
CA GLU B 223 -19.43 6.95 20.10
C GLU B 223 -18.81 8.35 20.09
N HIS B 224 -18.35 8.84 18.93
CA HIS B 224 -17.84 10.21 18.88
C HIS B 224 -18.95 11.25 18.89
N VAL B 225 -20.19 10.85 18.58
CA VAL B 225 -21.26 11.81 18.38
C VAL B 225 -21.67 12.44 19.71
N ARG B 226 -21.91 13.74 19.69
CA ARG B 226 -22.46 14.47 20.83
C ARG B 226 -23.94 14.71 20.55
N HIS B 227 -24.81 14.04 21.32
CA HIS B 227 -26.24 14.15 21.11
C HIS B 227 -26.83 15.42 21.71
N ASP B 228 -26.15 16.02 22.68
CA ASP B 228 -26.58 17.25 23.33
C ASP B 228 -26.01 18.50 22.66
N ALA B 229 -25.70 18.43 21.37
CA ALA B 229 -24.90 19.47 20.73
C ALA B 229 -25.65 20.79 20.68
N GLY B 230 -25.01 21.84 21.22
CA GLY B 230 -25.49 23.19 21.10
C GLY B 230 -24.38 24.11 20.64
N PRO B 231 -24.73 25.20 19.96
CA PRO B 231 -23.69 26.02 19.31
C PRO B 231 -22.73 26.67 20.30
N ASP B 232 -23.11 26.84 21.57
CA ASP B 232 -22.16 27.35 22.55
C ASP B 232 -21.02 26.37 22.78
N ASP B 233 -21.30 25.06 22.64
CA ASP B 233 -20.24 24.07 22.79
C ASP B 233 -19.11 24.30 21.80
N PHE B 234 -19.43 24.85 20.63
CA PHE B 234 -18.45 25.04 19.57
C PHE B 234 -17.81 26.43 19.61
N THR B 235 -18.60 27.47 19.90
CA THR B 235 -18.07 28.83 19.92
C THR B 235 -17.13 29.06 21.09
N LYS B 236 -17.25 28.28 22.16
CA LYS B 236 -16.36 28.46 23.31
C LYS B 236 -14.95 27.93 23.05
N LEU B 237 -14.80 27.04 22.08
CA LEU B 237 -13.51 26.42 21.84
C LEU B 237 -12.53 27.41 21.20
N LYS B 238 -11.26 27.10 21.34
CA LYS B 238 -10.16 27.96 20.93
C LYS B 238 -9.39 27.32 19.78
N PRO B 239 -8.87 28.11 18.85
CA PRO B 239 -8.17 27.51 17.69
C PRO B 239 -6.93 26.75 18.15
N VAL B 240 -6.76 25.54 17.60
CA VAL B 240 -5.78 24.60 18.13
C VAL B 240 -4.48 24.57 17.35
N PHE B 241 -4.47 25.02 16.09
CA PHE B 241 -3.34 24.76 15.20
C PHE B 241 -2.54 26.00 14.83
N VAL B 242 -3.07 27.19 15.08
CA VAL B 242 -2.33 28.43 14.85
C VAL B 242 -2.58 29.37 16.02
N LYS B 243 -1.56 30.14 16.39
CA LYS B 243 -1.69 31.03 17.54
C LYS B 243 -2.42 32.31 17.17
N GLU B 244 -2.18 32.84 15.97
CA GLU B 244 -2.81 34.06 15.51
C GLU B 244 -3.85 33.76 14.43
N ASP B 245 -4.95 34.53 14.45
CA ASP B 245 -5.97 34.44 13.42
C ASP B 245 -6.40 32.99 13.18
N GLY B 246 -6.46 32.22 14.25
CA GLY B 246 -6.88 30.84 14.14
C GLY B 246 -8.38 30.70 14.02
N THR B 247 -8.80 29.60 13.38
CA THR B 247 -10.21 29.29 13.23
C THR B 247 -10.55 27.81 13.41
N VAL B 248 -9.61 26.90 13.20
CA VAL B 248 -9.87 25.47 13.34
C VAL B 248 -9.70 25.09 14.81
N THR B 249 -10.72 24.45 15.37
CA THR B 249 -10.73 24.06 16.76
C THR B 249 -10.84 22.54 16.89
N ALA B 250 -10.73 22.07 18.13
CA ALA B 250 -10.96 20.66 18.40
C ALA B 250 -12.39 20.24 18.10
N GLY B 251 -13.31 21.21 17.97
CA GLY B 251 -14.72 20.92 17.80
C GLY B 251 -15.18 20.89 16.36
N ASN B 252 -14.61 21.75 15.52
CA ASN B 252 -14.95 21.78 14.10
C ASN B 252 -13.98 20.96 13.26
N ALA B 253 -13.06 20.25 13.89
CA ALA B 253 -12.14 19.34 13.21
C ALA B 253 -12.52 17.90 13.55
N SER B 254 -12.31 17.01 12.58
CA SER B 254 -12.67 15.61 12.78
C SER B 254 -11.86 15.01 13.93
N GLY B 255 -12.41 13.94 14.49
CA GLY B 255 -11.71 13.20 15.51
C GLY B 255 -10.71 12.23 14.93
N ILE B 256 -9.96 11.59 15.82
CA ILE B 256 -9.06 10.49 15.49
C ILE B 256 -9.67 9.23 16.10
N ASN B 257 -9.85 8.19 15.27
CA ASN B 257 -10.78 7.13 15.64
C ASN B 257 -10.31 5.78 15.13
N ASP B 258 -10.95 4.72 15.64
CA ASP B 258 -10.66 3.34 15.30
C ASP B 258 -11.88 2.72 14.61
N ALA B 259 -11.65 2.00 13.51
CA ALA B 259 -12.75 1.34 12.82
C ALA B 259 -12.20 0.53 11.65
N ALA B 260 -13.08 -0.32 11.09
CA ALA B 260 -12.80 -1.07 9.87
C ALA B 260 -14.08 -1.16 9.06
N ALA B 261 -13.93 -1.42 7.76
CA ALA B 261 -15.08 -1.57 6.87
C ALA B 261 -14.61 -2.29 5.62
N ALA B 262 -15.56 -2.89 4.91
CA ALA B 262 -15.24 -3.59 3.68
C ALA B 262 -16.47 -3.69 2.80
N VAL B 263 -16.23 -3.89 1.50
CA VAL B 263 -17.26 -4.22 0.52
C VAL B 263 -16.78 -5.40 -0.30
N LEU B 264 -17.74 -6.20 -0.78
CA LEU B 264 -17.48 -7.33 -1.66
C LEU B 264 -18.05 -6.99 -3.03
N MET B 265 -17.25 -7.20 -4.07
CA MET B 265 -17.62 -6.83 -5.43
C MET B 265 -17.49 -8.03 -6.35
N MET B 266 -18.29 -8.01 -7.42
CA MET B 266 -18.22 -9.04 -8.45
C MET B 266 -18.35 -8.39 -9.82
N SER B 267 -17.87 -9.10 -10.84
CA SER B 267 -18.19 -8.75 -12.21
C SER B 267 -19.69 -8.86 -12.44
N ALA B 268 -20.18 -8.14 -13.44
CA ALA B 268 -21.61 -8.18 -13.75
C ALA B 268 -22.06 -9.61 -14.05
N ASP B 269 -21.25 -10.36 -14.81
CA ASP B 269 -21.61 -11.73 -15.16
C ASP B 269 -21.69 -12.60 -13.90
N ALA B 270 -20.66 -12.56 -13.06
CA ALA B 270 -20.62 -13.43 -11.90
C ALA B 270 -21.76 -13.11 -10.93
N ALA B 271 -22.12 -11.83 -10.80
CA ALA B 271 -23.24 -11.47 -9.95
C ALA B 271 -24.56 -11.97 -10.54
N ARG B 272 -24.74 -11.82 -11.85
CA ARG B 272 -25.91 -12.38 -12.51
C ARG B 272 -26.08 -13.86 -12.16
N ALA B 273 -25.02 -14.63 -12.33
CA ALA B 273 -25.05 -16.08 -12.16
C ALA B 273 -24.96 -16.53 -10.71
N GLN B 274 -25.33 -15.67 -9.76
CA GLN B 274 -25.30 -16.04 -8.35
C GLN B 274 -26.55 -15.61 -7.60
N GLY B 275 -27.51 -14.97 -8.24
CA GLY B 275 -28.73 -14.54 -7.57
C GLY B 275 -28.45 -13.74 -6.31
N VAL B 276 -27.55 -12.77 -6.43
CA VAL B 276 -27.20 -11.87 -5.34
C VAL B 276 -27.91 -10.54 -5.56
N LYS B 277 -28.50 -9.99 -4.49
CA LYS B 277 -29.21 -8.72 -4.59
C LYS B 277 -28.26 -7.59 -4.25
N PRO B 278 -27.76 -6.83 -5.24
CA PRO B 278 -26.62 -5.95 -4.99
C PRO B 278 -27.02 -4.59 -4.44
N LEU B 279 -26.04 -3.95 -3.80
CA LEU B 279 -26.23 -2.58 -3.33
C LEU B 279 -26.20 -1.59 -4.49
N ALA B 280 -25.16 -1.65 -5.32
CA ALA B 280 -24.95 -0.66 -6.36
C ALA B 280 -23.94 -1.22 -7.36
N ARG B 281 -23.65 -0.43 -8.40
CA ARG B 281 -22.59 -0.73 -9.35
C ARG B 281 -21.67 0.48 -9.47
N LEU B 282 -20.41 0.21 -9.84
CA LEU B 282 -19.41 1.26 -9.95
C LEU B 282 -19.58 2.00 -11.27
N VAL B 283 -19.61 3.32 -11.20
CA VAL B 283 -19.80 4.17 -12.37
C VAL B 283 -18.47 4.73 -12.87
N ALA B 284 -17.66 5.30 -11.97
CA ALA B 284 -16.39 5.89 -12.35
C ALA B 284 -15.62 6.24 -11.08
N TYR B 285 -14.35 6.59 -11.28
CA TYR B 285 -13.49 7.08 -10.20
C TYR B 285 -12.46 8.01 -10.81
N ALA B 286 -11.78 8.77 -9.95
CA ALA B 286 -10.76 9.69 -10.44
C ALA B 286 -9.84 10.07 -9.29
N HIS B 287 -8.62 10.47 -9.65
CA HIS B 287 -7.62 10.92 -8.69
C HIS B 287 -7.12 12.30 -9.10
N ALA B 288 -6.66 13.06 -8.10
CA ALA B 288 -6.07 14.37 -8.36
C ALA B 288 -5.02 14.67 -7.30
N GLY B 289 -4.05 15.49 -7.69
CA GLY B 289 -3.08 16.04 -6.76
C GLY B 289 -3.23 17.55 -6.72
N VAL B 290 -2.95 18.13 -5.54
CA VAL B 290 -3.04 19.56 -5.32
C VAL B 290 -1.80 20.02 -4.58
N ASP B 291 -1.75 21.32 -4.30
CA ASP B 291 -0.73 21.88 -3.42
C ASP B 291 -0.81 21.20 -2.05
N PRO B 292 0.27 20.61 -1.56
CA PRO B 292 0.19 19.97 -0.22
C PRO B 292 -0.26 20.94 0.86
N ALA B 293 0.09 22.22 0.76
CA ALA B 293 -0.35 23.21 1.73
C ALA B 293 -1.84 23.47 1.68
N TYR B 294 -2.53 23.00 0.64
CA TYR B 294 -3.96 23.19 0.47
C TYR B 294 -4.65 21.86 0.21
N MET B 295 -4.17 20.81 0.87
CA MET B 295 -4.67 19.46 0.60
C MET B 295 -6.18 19.35 0.79
N GLY B 296 -6.78 20.24 1.57
CA GLY B 296 -8.20 20.11 1.86
C GLY B 296 -9.11 20.16 0.65
N ILE B 297 -8.70 20.89 -0.40
CA ILE B 297 -9.56 21.05 -1.56
C ILE B 297 -9.27 20.01 -2.63
N GLY B 298 -8.50 18.96 -2.26
CA GLY B 298 -8.30 17.84 -3.14
C GLY B 298 -9.56 17.24 -3.72
N PRO B 299 -10.64 17.12 -2.93
CA PRO B 299 -11.87 16.50 -3.47
C PRO B 299 -12.49 17.23 -4.64
N VAL B 300 -12.18 18.51 -4.83
CA VAL B 300 -12.87 19.32 -5.84
C VAL B 300 -12.44 18.85 -7.24
N PRO B 301 -11.15 18.89 -7.58
CA PRO B 301 -10.76 18.38 -8.91
C PRO B 301 -11.04 16.90 -9.09
N ALA B 302 -10.90 16.10 -8.04
CA ALA B 302 -11.18 14.67 -8.15
C ALA B 302 -12.64 14.44 -8.50
N THR B 303 -13.55 15.14 -7.81
CA THR B 303 -14.97 15.01 -8.09
C THR B 303 -15.30 15.48 -9.51
N GLN B 304 -14.66 16.56 -9.96
CA GLN B 304 -14.95 17.08 -11.29
C GLN B 304 -14.50 16.10 -12.37
N LYS B 305 -13.32 15.48 -12.19
CA LYS B 305 -12.86 14.50 -13.17
C LYS B 305 -13.71 13.24 -13.14
N ALA B 306 -14.21 12.85 -11.96
CA ALA B 306 -15.05 11.64 -11.90
C ALA B 306 -16.38 11.87 -12.60
N LEU B 307 -16.96 13.06 -12.46
CA LEU B 307 -18.20 13.36 -13.17
C LEU B 307 -17.99 13.34 -14.68
N GLU B 308 -16.83 13.84 -15.14
CA GLU B 308 -16.53 13.81 -16.56
C GLU B 308 -16.51 12.38 -17.09
N ARG B 309 -15.81 11.47 -16.38
CA ARG B 309 -15.78 10.09 -16.80
C ARG B 309 -17.16 9.44 -16.71
N ALA B 310 -17.97 9.85 -15.74
CA ALA B 310 -19.30 9.28 -15.58
C ALA B 310 -20.32 9.88 -16.54
N GLY B 311 -20.01 11.01 -17.15
CA GLY B 311 -20.99 11.70 -17.97
C GLY B 311 -22.16 12.23 -17.16
N LEU B 312 -21.92 12.68 -15.94
CA LEU B 312 -22.94 13.20 -15.06
C LEU B 312 -22.61 14.64 -14.67
N LYS B 313 -23.55 15.26 -13.96
CA LYS B 313 -23.39 16.60 -13.43
C LYS B 313 -23.61 16.57 -11.92
N ILE B 314 -23.07 17.59 -11.24
CA ILE B 314 -23.24 17.71 -9.79
C ILE B 314 -24.70 17.52 -9.41
N THR B 315 -25.63 17.95 -10.26
CA THR B 315 -27.04 17.93 -9.94
C THR B 315 -27.66 16.54 -10.06
N ASP B 316 -26.95 15.57 -10.60
CA ASP B 316 -27.44 14.20 -10.67
C ASP B 316 -27.16 13.40 -9.40
N LEU B 317 -26.44 13.98 -8.44
CA LEU B 317 -26.00 13.25 -7.26
C LEU B 317 -27.03 13.41 -6.16
N ASP B 318 -27.67 12.29 -5.78
CA ASP B 318 -28.64 12.29 -4.71
C ASP B 318 -28.00 12.13 -3.34
N VAL B 319 -26.84 11.48 -3.27
CA VAL B 319 -26.12 11.27 -2.02
C VAL B 319 -24.66 11.69 -2.25
N ILE B 320 -24.11 12.42 -1.28
CA ILE B 320 -22.73 12.89 -1.34
C ILE B 320 -22.09 12.57 0.00
N GLU B 321 -21.09 11.69 -0.01
CA GLU B 321 -20.25 11.43 1.16
C GLU B 321 -18.90 12.07 0.87
N ALA B 322 -18.68 13.26 1.43
CA ALA B 322 -17.44 14.02 1.26
C ALA B 322 -16.86 14.20 2.66
N ASN B 323 -15.84 13.41 2.98
CA ASN B 323 -15.36 13.33 4.35
C ASN B 323 -15.07 14.71 4.92
N GLU B 324 -15.58 14.95 6.14
CA GLU B 324 -15.32 16.19 6.86
C GLU B 324 -14.03 16.02 7.66
N ALA B 325 -12.91 16.14 6.96
CA ALA B 325 -11.62 16.17 7.64
C ALA B 325 -11.55 17.36 8.59
N PHE B 326 -11.86 18.55 8.08
CA PHE B 326 -12.01 19.76 8.87
C PHE B 326 -13.18 20.55 8.31
N ALA B 327 -13.99 21.13 9.20
CA ALA B 327 -15.05 22.02 8.74
C ALA B 327 -14.49 23.08 7.79
N ALA B 328 -13.26 23.53 8.05
CA ALA B 328 -12.65 24.57 7.23
C ALA B 328 -12.56 24.14 5.77
N GLN B 329 -12.25 22.87 5.52
CA GLN B 329 -12.07 22.42 4.14
C GLN B 329 -13.35 21.84 3.55
N ALA B 330 -14.21 21.22 4.36
CA ALA B 330 -15.45 20.67 3.83
C ALA B 330 -16.37 21.78 3.34
N CYS B 331 -16.40 22.91 4.04
CA CYS B 331 -17.19 24.05 3.57
C CYS B 331 -16.70 24.52 2.20
N ALA B 332 -15.38 24.62 2.04
CA ALA B 332 -14.83 25.06 0.77
C ALA B 332 -15.09 24.06 -0.34
N VAL B 333 -15.11 22.76 -0.02
CA VAL B 333 -15.41 21.75 -1.02
C VAL B 333 -16.85 21.89 -1.48
N THR B 334 -17.80 21.93 -0.54
CA THR B 334 -19.19 22.15 -0.90
C THR B 334 -19.36 23.43 -1.70
N GLN B 335 -18.65 24.50 -1.29
CA GLN B 335 -18.81 25.79 -1.94
C GLN B 335 -18.23 25.77 -3.35
N GLU B 336 -17.02 25.24 -3.51
CA GLU B 336 -16.36 25.30 -4.81
C GLU B 336 -17.02 24.39 -5.83
N LEU B 337 -17.68 23.32 -5.40
CA LEU B 337 -18.37 22.43 -6.31
C LEU B 337 -19.82 22.82 -6.53
N GLY B 338 -20.37 23.69 -5.69
CA GLY B 338 -21.77 24.06 -5.80
C GLY B 338 -22.69 22.90 -5.45
N LEU B 339 -22.50 22.35 -4.26
CA LEU B 339 -23.26 21.20 -3.79
C LEU B 339 -24.38 21.63 -2.87
N ASP B 340 -25.45 20.84 -2.86
CA ASP B 340 -26.59 21.05 -1.98
C ASP B 340 -26.25 20.51 -0.58
N PRO B 341 -25.99 21.37 0.41
CA PRO B 341 -25.58 20.85 1.73
C PRO B 341 -26.57 19.88 2.33
N ALA B 342 -27.82 19.84 1.85
CA ALA B 342 -28.76 18.84 2.34
C ALA B 342 -28.44 17.45 1.81
N LYS B 343 -27.82 17.39 0.62
CA LYS B 343 -27.40 16.11 0.03
C LYS B 343 -25.99 15.71 0.44
N VAL B 344 -25.27 16.57 1.15
CA VAL B 344 -23.87 16.32 1.51
C VAL B 344 -23.83 15.86 2.96
N ASN B 345 -23.29 14.66 3.18
CA ASN B 345 -23.21 14.07 4.51
C ASN B 345 -24.57 14.14 5.20
N PRO B 346 -25.60 13.51 4.63
CA PRO B 346 -26.94 13.58 5.24
C PRO B 346 -26.97 13.11 6.68
N ASN B 347 -26.01 12.30 7.11
CA ASN B 347 -26.01 11.70 8.44
C ASN B 347 -24.69 11.96 9.16
N GLY B 348 -24.08 13.11 8.89
CA GLY B 348 -22.84 13.47 9.54
C GLY B 348 -21.63 12.88 8.84
N SER B 349 -20.46 13.19 9.38
CA SER B 349 -19.20 12.69 8.84
C SER B 349 -18.08 12.81 9.87
N GLY B 350 -16.88 13.13 9.40
CA GLY B 350 -15.71 13.04 10.27
C GLY B 350 -15.84 13.82 11.56
N ILE B 351 -16.42 15.02 11.50
CA ILE B 351 -16.50 15.87 12.68
C ILE B 351 -17.31 15.18 13.77
N SER B 352 -18.46 14.64 13.40
CA SER B 352 -19.34 13.98 14.36
C SER B 352 -19.01 12.50 14.50
N LEU B 353 -18.88 11.79 13.38
CA LEU B 353 -18.76 10.34 13.42
C LEU B 353 -17.33 9.89 13.70
N GLY B 354 -16.33 10.66 13.28
CA GLY B 354 -14.94 10.30 13.48
C GLY B 354 -14.24 10.04 12.15
N HIS B 355 -12.91 9.91 12.26
CA HIS B 355 -12.04 9.77 11.08
C HIS B 355 -11.02 8.67 11.33
N PRO B 356 -11.43 7.40 11.22
CA PRO B 356 -10.44 6.31 11.27
C PRO B 356 -9.71 6.19 9.95
N ILE B 357 -8.61 6.95 9.83
CA ILE B 357 -8.15 7.44 8.53
C ILE B 357 -8.12 6.33 7.49
N GLY B 358 -7.36 5.26 7.75
CA GLY B 358 -7.21 4.21 6.75
C GLY B 358 -8.50 3.53 6.36
N ALA B 359 -9.50 3.55 7.25
CA ALA B 359 -10.77 2.90 6.99
C ALA B 359 -11.86 3.86 6.51
N THR B 360 -11.66 5.17 6.67
CA THR B 360 -12.73 6.12 6.38
C THR B 360 -13.26 5.96 4.95
N GLY B 361 -12.37 5.82 3.97
CA GLY B 361 -12.80 5.78 2.59
C GLY B 361 -13.75 4.64 2.30
N ALA B 362 -13.48 3.46 2.85
CA ALA B 362 -14.39 2.33 2.66
C ALA B 362 -15.63 2.49 3.51
N LEU B 363 -15.48 3.07 4.71
CA LEU B 363 -16.58 3.21 5.63
C LEU B 363 -17.65 4.14 5.08
N ILE B 364 -17.24 5.29 4.52
CA ILE B 364 -18.24 6.22 3.99
C ILE B 364 -18.79 5.77 2.65
N THR B 365 -18.08 4.89 1.93
CA THR B 365 -18.71 4.24 0.78
C THR B 365 -19.90 3.42 1.23
N VAL B 366 -19.76 2.70 2.35
CA VAL B 366 -20.86 1.92 2.89
C VAL B 366 -22.03 2.84 3.23
N LYS B 367 -21.76 3.94 3.93
CA LYS B 367 -22.80 4.92 4.21
C LYS B 367 -23.52 5.34 2.95
N ALA B 368 -22.76 5.78 1.94
CA ALA B 368 -23.37 6.31 0.72
C ALA B 368 -24.31 5.30 0.09
N LEU B 369 -23.93 4.02 0.08
CA LEU B 369 -24.76 3.02 -0.56
C LEU B 369 -26.02 2.73 0.24
N TYR B 370 -25.90 2.66 1.57
CA TYR B 370 -27.08 2.43 2.39
C TYR B 370 -28.01 3.64 2.40
N GLU B 371 -27.45 4.85 2.27
CA GLU B 371 -28.30 6.03 2.12
C GLU B 371 -29.05 5.98 0.79
N LEU B 372 -28.38 5.54 -0.27
CA LEU B 372 -29.04 5.44 -1.57
C LEU B 372 -30.25 4.52 -1.49
N LYS B 373 -30.16 3.45 -0.69
CA LYS B 373 -31.30 2.54 -0.56
C LYS B 373 -32.39 3.16 0.30
N ARG B 374 -32.01 3.83 1.39
CA ARG B 374 -33.00 4.45 2.27
C ARG B 374 -33.90 5.41 1.50
N ILE B 375 -33.31 6.25 0.65
CA ILE B 375 -34.04 7.30 -0.04
C ILE B 375 -34.41 6.93 -1.47
N GLY B 376 -34.03 5.74 -1.93
CA GLY B 376 -34.37 5.32 -3.29
C GLY B 376 -33.71 6.15 -4.36
N GLY B 377 -32.46 6.57 -4.14
CA GLY B 377 -31.77 7.41 -5.09
C GLY B 377 -30.97 6.62 -6.11
N ARG B 378 -30.42 7.34 -7.07
CA ARG B 378 -29.70 6.72 -8.19
C ARG B 378 -28.19 6.81 -8.03
N TYR B 379 -27.65 8.02 -7.88
CA TYR B 379 -26.22 8.26 -7.93
C TYR B 379 -25.71 8.77 -6.59
N ALA B 380 -24.56 8.23 -6.16
CA ALA B 380 -23.88 8.68 -4.95
C ALA B 380 -22.44 9.03 -5.29
N LEU B 381 -21.94 10.13 -4.72
CA LEU B 381 -20.55 10.51 -4.83
C LEU B 381 -19.86 10.27 -3.49
N VAL B 382 -18.65 9.70 -3.57
CA VAL B 382 -17.79 9.47 -2.41
C VAL B 382 -16.45 10.09 -2.71
N THR B 383 -16.07 11.10 -1.93
CA THR B 383 -14.81 11.80 -2.16
C THR B 383 -14.22 12.21 -0.82
N MET B 384 -12.89 12.41 -0.82
CA MET B 384 -12.21 12.87 0.37
C MET B 384 -10.87 13.48 0.00
N CYS B 385 -10.36 14.31 0.90
CA CYS B 385 -9.05 14.93 0.74
C CYS B 385 -7.99 14.00 1.32
N ILE B 386 -6.73 14.27 0.98
CA ILE B 386 -5.62 13.38 1.30
C ILE B 386 -4.42 14.21 1.72
N GLY B 387 -3.87 13.91 2.89
CA GLY B 387 -2.67 14.60 3.33
C GLY B 387 -1.54 14.40 2.33
N GLY B 388 -0.74 15.46 2.18
CA GLY B 388 0.26 15.50 1.14
C GLY B 388 -0.22 16.14 -0.15
N GLY B 389 -1.53 16.39 -0.28
CA GLY B 389 -2.05 17.10 -1.42
C GLY B 389 -2.64 16.21 -2.50
N GLN B 390 -3.70 15.48 -2.17
CA GLN B 390 -4.38 14.68 -3.17
C GLN B 390 -5.88 14.66 -2.88
N GLY B 391 -6.64 14.18 -3.86
CA GLY B 391 -8.03 13.87 -3.66
C GLY B 391 -8.40 12.62 -4.44
N ILE B 392 -9.46 11.97 -3.98
CA ILE B 392 -9.98 10.76 -4.62
C ILE B 392 -11.49 10.84 -4.61
N ALA B 393 -12.12 10.31 -5.66
CA ALA B 393 -13.56 10.36 -5.77
C ALA B 393 -14.07 9.17 -6.56
N ALA B 394 -15.24 8.68 -6.17
CA ALA B 394 -15.91 7.57 -6.85
C ALA B 394 -17.40 7.85 -6.91
N ILE B 395 -18.04 7.36 -7.97
CA ILE B 395 -19.47 7.50 -8.18
C ILE B 395 -20.08 6.12 -8.34
N PHE B 396 -21.15 5.86 -7.59
CA PHE B 396 -21.87 4.59 -7.64
C PHE B 396 -23.31 4.82 -8.05
N GLU B 397 -23.91 3.77 -8.63
CA GLU B 397 -25.29 3.81 -9.07
C GLU B 397 -26.08 2.73 -8.33
N ASN B 398 -27.17 3.14 -7.68
CA ASN B 398 -28.06 2.20 -7.02
C ASN B 398 -28.76 1.33 -8.06
N ILE B 399 -28.96 0.06 -7.73
CA ILE B 399 -29.63 -0.86 -8.64
C ILE B 399 -30.44 -1.89 -7.86
#